data_4JDY
#
_entry.id   4JDY
#
_cell.length_a   110.752
_cell.length_b   126.080
_cell.length_c   180.816
_cell.angle_alpha   90.000
_cell.angle_beta   90.000
_cell.angle_gamma   90.000
#
_symmetry.space_group_name_H-M   'I 2 2 2'
#
loop_
_entity.id
_entity.type
_entity.pdbx_description
1 polymer 'Pyridoxal biosynthesis lyase PdxS'
2 non-polymer GLYCEROL
3 water water
#
_entity_poly.entity_id   1
_entity_poly.type   'polypeptide(L)'
_entity_poly.pdbx_seq_one_letter_code
;TARVKRGMAEMLKGGVIMDVVTPEQARIAEGAGAVAVMALERVPADIRAQGGVSRMSDPDMIEGIIAAVTIPVMAKVRIG
HFVEAQILQTLGVDYIDESEVLTPADYAHHIDKWNFTVPFVCGATNLGEALRRISEGAAMIRSKGEAGTGDVSNATTHMR
AIGGEIRRLTSMSEDELFVAAKELQAPYELVAEVARAGKLPVTLFTAGGIATPADAAMMMQLGAEGVFVGSGIFKSGAPE
HRAAAIVKATTFFDDPDVLAKVSR
;
_entity_poly.pdbx_strand_id   A,B,C
#
loop_
_chem_comp.id
_chem_comp.type
_chem_comp.name
_chem_comp.formula
GOL non-polymer GLYCEROL 'C3 H8 O3'
#
# COMPACT_ATOMS: atom_id res chain seq x y z
N THR A 1 -46.15 5.96 8.56
CA THR A 1 -45.36 7.18 8.93
C THR A 1 -43.88 6.78 9.14
N ALA A 2 -42.95 7.29 8.30
CA ALA A 2 -41.55 6.74 8.26
C ALA A 2 -40.59 7.18 9.40
N ARG A 3 -39.52 6.42 9.66
CA ARG A 3 -38.67 6.71 10.82
C ARG A 3 -37.65 7.80 10.48
N VAL A 4 -37.77 8.94 11.12
CA VAL A 4 -36.92 10.10 10.84
C VAL A 4 -36.63 10.80 12.15
N LYS A 5 -35.44 11.36 12.34
CA LYS A 5 -35.19 12.17 13.50
C LYS A 5 -35.64 13.62 13.21
N ARG A 6 -36.87 13.93 13.60
CA ARG A 6 -37.56 15.12 13.24
C ARG A 6 -37.34 16.19 14.27
N GLY A 7 -37.45 17.43 13.85
CA GLY A 7 -37.46 18.57 14.78
C GLY A 7 -36.27 18.76 15.67
N MET A 8 -35.08 18.43 15.20
CA MET A 8 -33.91 18.55 16.08
C MET A 8 -33.08 19.80 15.87
N ALA A 9 -33.54 20.70 14.99
CA ALA A 9 -32.72 21.88 14.72
C ALA A 9 -33.58 23.21 14.66
N GLU A 10 -34.72 23.17 15.34
CA GLU A 10 -35.69 24.27 15.28
C GLU A 10 -35.07 25.57 15.71
N MET A 11 -34.14 25.55 16.65
CA MET A 11 -33.50 26.77 17.17
C MET A 11 -32.44 27.31 16.20
N LEU A 12 -32.04 26.51 15.19
CA LEU A 12 -31.02 27.00 14.24
C LEU A 12 -31.67 27.67 13.03
N LYS A 13 -32.95 27.44 12.80
CA LYS A 13 -33.65 27.90 11.59
C LYS A 13 -33.54 29.39 11.49
N GLY A 14 -33.18 29.90 10.33
CA GLY A 14 -33.19 31.35 10.09
C GLY A 14 -31.83 31.85 10.39
N GLY A 15 -30.89 30.97 10.74
CA GLY A 15 -29.55 31.42 11.23
C GLY A 15 -28.33 31.03 10.44
N VAL A 16 -27.17 31.53 10.88
CA VAL A 16 -25.90 31.26 10.31
C VAL A 16 -25.02 30.42 11.27
N ILE A 17 -24.41 29.38 10.72
CA ILE A 17 -23.43 28.61 11.46
C ILE A 17 -22.06 28.89 10.95
N MET A 18 -21.15 29.32 11.83
CA MET A 18 -19.84 29.74 11.40
C MET A 18 -18.75 28.82 11.80
N ASP A 19 -17.87 28.48 10.88
CA ASP A 19 -16.68 27.76 11.26
C ASP A 19 -15.72 28.64 12.16
N VAL A 20 -15.15 28.03 13.20
CA VAL A 20 -14.22 28.75 14.11
C VAL A 20 -13.04 27.86 14.48
N VAL A 21 -11.85 28.42 14.46
CA VAL A 21 -10.66 27.62 14.74
C VAL A 21 -10.10 28.00 16.15
N THR A 22 -10.65 29.03 16.79
CA THR A 22 -10.15 29.55 18.11
C THR A 22 -11.30 30.06 18.99
N PRO A 23 -11.15 30.07 20.34
CA PRO A 23 -12.21 30.60 21.17
C PRO A 23 -12.54 32.08 20.79
N GLU A 24 -11.54 32.83 20.36
CA GLU A 24 -11.76 34.25 19.98
C GLU A 24 -12.71 34.35 18.74
N GLN A 25 -12.43 33.55 17.71
CA GLN A 25 -13.32 33.48 16.56
C GLN A 25 -14.68 33.06 17.06
N ALA A 26 -14.75 32.08 17.98
CA ALA A 26 -16.07 31.68 18.50
C ALA A 26 -16.86 32.84 19.17
N ARG A 27 -16.15 33.65 19.97
CA ARG A 27 -16.79 34.83 20.62
C ARG A 27 -17.26 35.86 19.59
N ILE A 28 -16.43 36.13 18.60
CA ILE A 28 -16.88 37.06 17.51
C ILE A 28 -18.10 36.55 16.80
N ALA A 29 -18.08 35.25 16.45
CA ALA A 29 -19.26 34.63 15.87
C ALA A 29 -20.50 34.82 16.70
N GLU A 30 -20.43 34.51 18.00
CA GLU A 30 -21.60 34.58 18.85
C GLU A 30 -22.03 36.09 18.96
N GLY A 31 -21.04 36.99 19.02
CA GLY A 31 -21.32 38.48 19.13
C GLY A 31 -22.07 38.97 17.87
N ALA A 32 -21.72 38.36 16.71
CA ALA A 32 -22.32 38.75 15.42
C ALA A 32 -23.74 38.23 15.25
N GLY A 33 -24.17 37.38 16.18
CA GLY A 33 -25.50 36.82 16.10
C GLY A 33 -25.56 35.43 15.36
N ALA A 34 -24.43 34.76 15.18
CA ALA A 34 -24.43 33.31 14.76
C ALA A 34 -25.37 32.45 15.60
N VAL A 35 -26.07 31.49 14.97
CA VAL A 35 -26.90 30.59 15.76
C VAL A 35 -26.10 29.39 16.33
N ALA A 36 -24.91 29.08 15.80
CA ALA A 36 -24.09 27.96 16.28
C ALA A 36 -22.76 28.16 15.72
N VAL A 37 -21.73 27.47 16.22
CA VAL A 37 -20.44 27.51 15.61
C VAL A 37 -20.03 26.07 15.26
N MET A 38 -19.10 25.94 14.32
CA MET A 38 -18.57 24.64 13.92
C MET A 38 -17.13 24.73 14.33
N ALA A 39 -16.74 23.95 15.35
CA ALA A 39 -15.33 23.88 15.77
C ALA A 39 -14.46 23.11 14.84
N LEU A 40 -13.35 23.64 14.37
CA LEU A 40 -12.42 22.82 13.63
C LEU A 40 -11.04 23.35 13.72
N GLU A 41 -10.07 22.45 13.73
CA GLU A 41 -8.64 22.83 13.82
C GLU A 41 -8.04 23.41 12.54
N ARG A 42 -8.42 22.92 11.37
CA ARG A 42 -7.89 23.52 10.13
C ARG A 42 -8.93 23.61 9.02
N VAL A 43 -8.89 24.70 8.29
CA VAL A 43 -10.08 25.13 7.54
C VAL A 43 -10.26 24.42 6.15
N PRO A 44 -11.52 24.42 5.55
CA PRO A 44 -11.71 23.89 4.15
C PRO A 44 -10.82 24.56 3.03
N ALA A 45 -10.57 25.88 3.13
CA ALA A 45 -9.56 26.59 2.28
C ALA A 45 -8.06 26.14 2.44
N ASP A 46 -7.64 25.77 3.67
CA ASP A 46 -6.29 25.12 3.97
C ASP A 46 -6.20 23.61 3.72
N ILE A 47 -7.35 22.91 3.78
CA ILE A 47 -7.47 21.48 3.43
C ILE A 47 -7.34 21.35 1.90
N ARG A 48 -8.12 22.15 1.20
CA ARG A 48 -8.02 22.19 -0.23
C ARG A 48 -6.62 22.62 -0.65
N ALA A 49 -6.08 23.63 0.01
CA ALA A 49 -4.72 24.10 -0.22
C ALA A 49 -3.55 23.18 0.19
N GLN A 50 -3.57 22.54 1.35
CA GLN A 50 -2.46 21.64 1.70
C GLN A 50 -2.68 20.16 1.44
N GLY A 51 -3.81 19.61 1.82
CA GLY A 51 -3.99 18.18 1.76
C GLY A 51 -3.31 17.44 2.92
N GLY A 52 -3.05 16.13 2.79
CA GLY A 52 -2.74 15.26 3.93
C GLY A 52 -4.06 14.71 4.50
N VAL A 53 -4.09 13.90 5.55
CA VAL A 53 -5.41 13.39 5.92
C VAL A 53 -6.04 14.38 6.93
N SER A 54 -7.32 14.69 6.76
CA SER A 54 -8.06 15.53 7.68
C SER A 54 -9.03 14.73 8.52
N ARG A 55 -8.96 14.87 9.85
CA ARG A 55 -9.70 13.98 10.76
C ARG A 55 -10.55 14.82 11.73
N MET A 56 -11.28 14.17 12.62
CA MET A 56 -11.91 14.80 13.76
C MET A 56 -10.86 15.69 14.45
N SER A 57 -11.31 16.83 14.93
CA SER A 57 -10.41 17.75 15.65
C SER A 57 -10.02 17.22 17.05
N ASP A 58 -8.86 17.63 17.56
CA ASP A 58 -8.47 17.30 18.96
C ASP A 58 -9.59 17.65 19.92
N PRO A 59 -9.99 16.71 20.75
CA PRO A 59 -11.04 16.97 21.69
C PRO A 59 -10.81 18.19 22.63
N ASP A 60 -9.56 18.50 22.93
CA ASP A 60 -9.31 19.67 23.83
C ASP A 60 -9.71 20.94 23.04
N MET A 61 -9.35 20.98 21.75
CA MET A 61 -9.63 22.12 20.89
C MET A 61 -11.16 22.35 20.85
N ILE A 62 -11.92 21.28 20.62
CA ILE A 62 -13.38 21.39 20.65
C ILE A 62 -13.98 21.87 22.01
N GLU A 63 -13.47 21.29 23.11
CA GLU A 63 -13.93 21.67 24.44
C GLU A 63 -13.62 23.16 24.72
N GLY A 64 -12.52 23.66 24.20
CA GLY A 64 -12.16 25.10 24.31
C GLY A 64 -13.26 25.95 23.68
N ILE A 65 -13.82 25.45 22.55
CA ILE A 65 -14.86 26.26 21.88
C ILE A 65 -16.14 26.16 22.67
N ILE A 66 -16.47 24.97 23.17
CA ILE A 66 -17.71 24.80 23.95
C ILE A 66 -17.74 25.75 25.21
N ALA A 67 -16.53 25.91 25.79
CA ALA A 67 -16.35 26.75 27.01
C ALA A 67 -16.46 28.25 26.67
N ALA A 68 -16.19 28.63 25.41
CA ALA A 68 -16.14 30.03 25.03
C ALA A 68 -17.46 30.65 24.66
N VAL A 69 -18.53 29.87 24.47
CA VAL A 69 -19.79 30.44 23.94
C VAL A 69 -20.99 29.82 24.60
N THR A 70 -22.17 30.40 24.45
CA THR A 70 -23.42 29.83 24.95
C THR A 70 -24.19 29.09 23.88
N ILE A 71 -23.96 29.47 22.62
CA ILE A 71 -24.74 28.91 21.50
C ILE A 71 -24.19 27.50 21.19
N PRO A 72 -25.03 26.68 20.51
CA PRO A 72 -24.69 25.31 20.19
C PRO A 72 -23.33 25.21 19.45
N VAL A 73 -22.58 24.11 19.68
CA VAL A 73 -21.29 23.92 19.00
C VAL A 73 -21.37 22.57 18.19
N MET A 74 -20.97 22.63 16.92
CA MET A 74 -20.89 21.41 16.08
C MET A 74 -19.50 21.04 15.91
N ALA A 75 -19.28 19.77 15.49
CA ALA A 75 -17.93 19.43 15.11
C ALA A 75 -18.05 18.30 14.08
N LYS A 76 -17.00 18.11 13.32
CA LYS A 76 -16.97 17.19 12.19
C LYS A 76 -16.38 15.83 12.51
N VAL A 77 -16.89 14.78 11.81
CA VAL A 77 -16.19 13.50 11.77
C VAL A 77 -16.06 13.09 10.28
N ARG A 78 -15.18 12.16 10.03
CA ARG A 78 -14.96 11.60 8.68
C ARG A 78 -16.13 10.74 8.31
N ILE A 79 -16.54 10.74 7.03
CA ILE A 79 -17.63 9.89 6.59
C ILE A 79 -17.33 8.45 7.00
N GLY A 80 -18.31 7.82 7.65
CA GLY A 80 -18.23 6.43 8.01
C GLY A 80 -17.42 6.27 9.32
N HIS A 81 -16.90 7.35 9.93
CA HIS A 81 -16.01 7.13 11.10
C HIS A 81 -16.84 7.10 12.40
N PHE A 82 -17.51 5.98 12.63
CA PHE A 82 -18.47 5.91 13.74
C PHE A 82 -17.75 6.05 15.10
N VAL A 83 -16.42 5.82 15.16
CA VAL A 83 -15.76 5.92 16.49
C VAL A 83 -15.36 7.36 16.75
N GLU A 84 -14.93 8.10 15.71
CA GLU A 84 -14.84 9.59 15.90
C GLU A 84 -16.21 10.14 16.44
N ALA A 85 -17.33 9.67 15.89
CA ALA A 85 -18.64 10.15 16.38
C ALA A 85 -18.92 9.72 17.87
N GLN A 86 -18.53 8.48 18.23
CA GLN A 86 -18.68 8.00 19.62
C GLN A 86 -17.93 8.97 20.55
N ILE A 87 -16.79 9.39 20.12
CA ILE A 87 -15.93 10.28 20.93
C ILE A 87 -16.62 11.65 21.02
N LEU A 88 -17.03 12.21 19.89
CA LEU A 88 -17.69 13.50 19.93
C LEU A 88 -18.96 13.50 20.78
N GLN A 89 -19.79 12.46 20.66
CA GLN A 89 -20.98 12.41 21.46
C GLN A 89 -20.64 12.59 22.99
N THR A 90 -19.54 11.97 23.47
CA THR A 90 -19.23 12.04 24.93
C THR A 90 -18.69 13.41 25.28
N LEU A 91 -18.10 14.11 24.29
CA LEU A 91 -17.70 15.51 24.49
C LEU A 91 -18.81 16.48 24.73
N GLY A 92 -20.03 16.10 24.38
CA GLY A 92 -21.20 16.95 24.55
C GLY A 92 -21.39 18.05 23.47
N VAL A 93 -20.80 17.88 22.27
CA VAL A 93 -21.18 18.75 21.13
C VAL A 93 -22.67 18.64 20.91
N ASP A 94 -23.29 19.68 20.36
CA ASP A 94 -24.70 19.66 20.17
C ASP A 94 -25.09 18.92 18.86
N TYR A 95 -24.20 18.98 17.90
CA TYR A 95 -24.47 18.28 16.57
C TYR A 95 -23.18 17.73 16.04
N ILE A 96 -23.28 16.64 15.28
CA ILE A 96 -22.05 16.15 14.63
C ILE A 96 -22.30 16.30 13.11
N ASP A 97 -21.28 16.78 12.40
CA ASP A 97 -21.42 16.97 10.96
C ASP A 97 -20.63 15.79 10.37
N GLU A 98 -21.32 14.86 9.70
CA GLU A 98 -20.57 13.78 9.05
C GLU A 98 -20.16 14.31 7.69
N SER A 99 -18.91 14.74 7.60
CA SER A 99 -18.53 15.75 6.60
C SER A 99 -17.61 15.31 5.49
N GLU A 100 -18.02 15.63 4.24
CA GLU A 100 -17.19 15.28 3.09
C GLU A 100 -16.00 16.22 2.98
N VAL A 101 -15.94 17.23 3.82
CA VAL A 101 -14.74 18.11 3.80
C VAL A 101 -13.54 17.38 4.40
N LEU A 102 -13.81 16.39 5.30
CA LEU A 102 -12.68 15.68 5.88
C LEU A 102 -12.39 14.49 4.97
N THR A 103 -11.27 13.80 5.21
CA THR A 103 -10.93 12.59 4.38
C THR A 103 -11.87 11.41 4.76
N PRO A 104 -12.64 10.83 3.79
CA PRO A 104 -13.57 9.77 4.19
C PRO A 104 -12.80 8.62 4.85
N ALA A 105 -13.43 8.03 5.89
CA ALA A 105 -12.84 6.86 6.55
C ALA A 105 -13.48 5.62 5.95
N ASP A 106 -14.60 5.73 5.25
CA ASP A 106 -15.30 4.52 4.71
C ASP A 106 -15.82 4.99 3.32
N TYR A 107 -15.32 4.42 2.26
CA TYR A 107 -15.76 4.89 0.96
C TYR A 107 -17.05 4.33 0.50
N ALA A 108 -17.60 3.37 1.26
CA ALA A 108 -18.88 2.80 0.88
C ALA A 108 -20.03 3.12 1.80
N HIS A 109 -19.79 3.05 3.12
CA HIS A 109 -20.88 3.18 4.09
C HIS A 109 -20.77 4.46 4.91
N HIS A 110 -21.90 5.09 5.14
CA HIS A 110 -21.94 6.24 6.10
C HIS A 110 -22.16 5.68 7.52
N ILE A 111 -22.04 6.55 8.52
CA ILE A 111 -22.28 6.11 9.88
C ILE A 111 -23.75 5.76 10.01
N ASP A 112 -24.06 4.67 10.73
CA ASP A 112 -25.42 4.40 11.15
C ASP A 112 -25.78 5.37 12.30
N LYS A 113 -26.56 6.39 11.98
CA LYS A 113 -26.66 7.49 12.89
C LYS A 113 -27.74 7.24 13.94
N TRP A 114 -28.46 6.13 13.77
CA TRP A 114 -29.49 5.71 14.75
C TRP A 114 -28.81 5.20 16.03
N ASN A 115 -27.52 4.91 15.97
CA ASN A 115 -26.83 4.37 17.18
C ASN A 115 -26.43 5.49 18.17
N PHE A 116 -26.88 6.73 17.88
CA PHE A 116 -26.49 7.90 18.61
C PHE A 116 -27.72 8.64 19.12
N THR A 117 -27.53 9.30 20.28
CA THR A 117 -28.47 10.30 20.78
C THR A 117 -28.23 11.70 20.13
N VAL A 118 -26.98 12.08 20.00
CA VAL A 118 -26.65 13.39 19.42
C VAL A 118 -27.12 13.45 17.93
N PRO A 119 -27.71 14.59 17.49
CA PRO A 119 -28.17 14.69 16.05
C PRO A 119 -26.99 14.96 15.13
N PHE A 120 -27.11 14.47 13.88
CA PHE A 120 -26.09 14.63 12.87
C PHE A 120 -26.62 15.52 11.76
N VAL A 121 -25.66 16.20 11.19
CA VAL A 121 -25.85 16.97 9.95
C VAL A 121 -25.17 16.12 8.85
N CYS A 122 -25.82 15.90 7.66
CA CYS A 122 -25.07 15.25 6.54
C CYS A 122 -25.26 16.12 5.26
N GLY A 123 -24.30 16.01 4.33
CA GLY A 123 -24.38 16.78 3.05
C GLY A 123 -25.18 16.04 1.97
N ALA A 124 -25.75 16.80 1.01
CA ALA A 124 -26.35 16.14 -0.13
C ALA A 124 -26.23 17.07 -1.32
N THR A 125 -26.31 16.45 -2.51
CA THR A 125 -26.30 17.29 -3.73
C THR A 125 -27.58 17.12 -4.53
N ASN A 126 -28.44 16.22 -4.08
CA ASN A 126 -29.69 15.91 -4.80
C ASN A 126 -30.64 15.28 -3.80
N LEU A 127 -31.90 15.13 -4.15
CA LEU A 127 -32.91 14.72 -3.19
C LEU A 127 -32.67 13.25 -2.80
N GLY A 128 -32.28 12.40 -3.78
CA GLY A 128 -32.04 10.94 -3.50
C GLY A 128 -31.00 10.80 -2.39
N GLU A 129 -29.92 11.55 -2.53
CA GLU A 129 -28.88 11.55 -1.51
C GLU A 129 -29.33 12.10 -0.16
N ALA A 130 -30.04 13.21 -0.16
CA ALA A 130 -30.65 13.69 1.09
C ALA A 130 -31.50 12.62 1.80
N LEU A 131 -32.39 11.94 1.04
CA LEU A 131 -33.24 10.91 1.60
C LEU A 131 -32.46 9.71 2.16
N ARG A 132 -31.39 9.29 1.46
CA ARG A 132 -30.57 8.16 1.99
C ARG A 132 -29.91 8.58 3.30
N ARG A 133 -29.39 9.80 3.35
CA ARG A 133 -28.82 10.29 4.66
C ARG A 133 -29.84 10.31 5.75
N ILE A 134 -31.06 10.80 5.45
CA ILE A 134 -32.11 10.79 6.43
C ILE A 134 -32.47 9.37 6.82
N SER A 135 -32.51 8.45 5.85
CA SER A 135 -32.86 7.05 6.12
C SER A 135 -31.87 6.49 7.22
N GLU A 136 -30.62 6.96 7.16
CA GLU A 136 -29.55 6.49 8.06
C GLU A 136 -29.66 7.21 9.43
N GLY A 137 -30.59 8.15 9.59
CA GLY A 137 -30.67 8.84 10.88
C GLY A 137 -30.26 10.30 10.89
N ALA A 138 -29.86 10.88 9.73
CA ALA A 138 -29.49 12.32 9.77
C ALA A 138 -30.67 13.17 10.27
N ALA A 139 -30.31 14.19 11.05
CA ALA A 139 -31.32 15.10 11.62
C ALA A 139 -31.37 16.44 10.88
N MET A 140 -30.41 16.71 9.99
CA MET A 140 -30.40 17.95 9.22
C MET A 140 -29.69 17.61 7.95
N ILE A 141 -30.08 18.26 6.89
CA ILE A 141 -29.32 18.05 5.59
C ILE A 141 -28.73 19.42 5.21
N ARG A 142 -27.47 19.45 4.77
CA ARG A 142 -26.99 20.65 4.10
C ARG A 142 -26.54 20.34 2.64
N SER A 143 -26.48 21.34 1.76
CA SER A 143 -25.85 21.17 0.45
C SER A 143 -24.37 20.94 0.68
N LYS A 144 -23.68 20.29 -0.25
CA LYS A 144 -22.23 20.16 -0.14
C LYS A 144 -21.65 21.47 -0.71
N GLY A 145 -22.34 22.17 -1.62
CA GLY A 145 -21.73 23.26 -2.37
C GLY A 145 -20.34 22.83 -2.84
N GLU A 146 -19.41 23.77 -2.96
CA GLU A 146 -18.02 23.45 -3.17
C GLU A 146 -17.25 24.07 -2.01
N ALA A 147 -16.78 23.25 -1.09
CA ALA A 147 -16.24 23.74 0.19
C ALA A 147 -14.94 24.57 0.01
N GLY A 148 -14.85 25.70 0.75
CA GLY A 148 -13.70 26.63 0.75
C GLY A 148 -13.24 27.26 -0.56
N THR A 149 -14.16 27.57 -1.45
CA THR A 149 -13.78 28.09 -2.78
C THR A 149 -14.31 29.54 -3.00
N GLY A 150 -15.31 29.90 -2.21
CA GLY A 150 -16.08 31.11 -2.37
C GLY A 150 -16.95 31.20 -3.64
N ASP A 151 -17.07 30.09 -4.39
CA ASP A 151 -17.94 30.01 -5.57
C ASP A 151 -19.33 29.41 -5.25
N VAL A 152 -20.39 30.22 -5.26
CA VAL A 152 -21.71 29.78 -4.77
C VAL A 152 -22.41 28.85 -5.79
N SER A 153 -21.86 28.75 -6.98
CA SER A 153 -22.63 28.06 -8.02
C SER A 153 -22.90 26.58 -7.78
N ASN A 154 -21.99 25.85 -7.13
CA ASN A 154 -22.35 24.44 -6.78
C ASN A 154 -23.56 24.40 -5.83
N ALA A 155 -23.54 25.31 -4.84
CA ALA A 155 -24.62 25.37 -3.85
C ALA A 155 -25.92 25.72 -4.57
N THR A 156 -25.88 26.61 -5.59
CA THR A 156 -27.10 26.89 -6.30
C THR A 156 -27.62 25.64 -6.97
N THR A 157 -26.73 24.92 -7.62
CA THR A 157 -27.16 23.67 -8.31
C THR A 157 -27.76 22.68 -7.31
N HIS A 158 -27.12 22.53 -6.15
CA HIS A 158 -27.66 21.58 -5.14
C HIS A 158 -29.02 21.98 -4.65
N MET A 159 -29.19 23.26 -4.29
CA MET A 159 -30.49 23.71 -3.81
C MET A 159 -31.55 23.60 -4.86
N ARG A 160 -31.21 23.98 -6.11
CA ARG A 160 -32.24 23.81 -7.14
C ARG A 160 -32.57 22.32 -7.42
N ALA A 161 -31.56 21.46 -7.28
CA ALA A 161 -31.80 20.02 -7.60
C ALA A 161 -32.67 19.45 -6.50
N ILE A 162 -32.35 19.73 -5.22
CA ILE A 162 -33.21 19.18 -4.17
C ILE A 162 -34.59 19.79 -4.13
N GLY A 163 -34.69 21.11 -4.19
CA GLY A 163 -35.99 21.71 -4.25
C GLY A 163 -36.76 21.32 -5.49
N GLY A 164 -36.10 21.23 -6.61
CA GLY A 164 -36.81 20.92 -7.89
C GLY A 164 -37.42 19.52 -7.88
N GLU A 165 -36.69 18.56 -7.30
CA GLU A 165 -37.24 17.20 -7.20
C GLU A 165 -38.35 17.12 -6.16
N ILE A 166 -38.26 17.87 -5.05
CA ILE A 166 -39.38 17.88 -4.07
C ILE A 166 -40.63 18.38 -4.82
N ARG A 167 -40.46 19.44 -5.62
CA ARG A 167 -41.62 19.97 -6.32
C ARG A 167 -42.16 18.95 -7.25
N ARG A 168 -41.31 18.28 -7.97
CA ARG A 168 -41.75 17.30 -8.94
C ARG A 168 -42.56 16.16 -8.26
N LEU A 169 -42.12 15.72 -7.09
CA LEU A 169 -42.91 14.67 -6.38
C LEU A 169 -44.27 15.13 -5.99
N THR A 170 -44.39 16.43 -5.57
CA THR A 170 -45.68 16.94 -5.04
C THR A 170 -46.77 16.82 -6.08
N SER A 171 -46.48 16.92 -7.41
CA SER A 171 -47.57 16.96 -8.37
C SER A 171 -47.62 15.66 -9.21
N MET A 172 -46.72 14.74 -8.89
CA MET A 172 -46.60 13.46 -9.60
C MET A 172 -47.81 12.59 -9.35
N SER A 173 -48.29 11.92 -10.41
CA SER A 173 -49.38 10.90 -10.28
C SER A 173 -48.91 9.88 -9.18
N GLU A 174 -49.76 9.57 -8.20
CA GLU A 174 -49.32 8.73 -7.07
C GLU A 174 -48.85 7.35 -7.50
N ASP A 175 -49.43 6.79 -8.56
CA ASP A 175 -49.01 5.46 -9.01
C ASP A 175 -47.58 5.44 -9.55
N GLU A 176 -47.01 6.63 -9.87
CA GLU A 176 -45.66 6.69 -10.45
C GLU A 176 -44.61 6.87 -9.37
N LEU A 177 -45.04 7.00 -8.11
CA LEU A 177 -44.07 7.28 -7.02
C LEU A 177 -43.19 6.04 -6.72
N PHE A 178 -43.70 4.86 -7.07
CA PHE A 178 -42.83 3.65 -6.84
C PHE A 178 -41.62 3.72 -7.72
N VAL A 179 -41.84 4.02 -8.99
CA VAL A 179 -40.72 4.09 -9.93
C VAL A 179 -39.87 5.32 -9.60
N ALA A 180 -40.50 6.39 -9.15
CA ALA A 180 -39.68 7.59 -8.74
C ALA A 180 -38.69 7.22 -7.63
N ALA A 181 -39.14 6.44 -6.65
CA ALA A 181 -38.23 6.05 -5.52
C ALA A 181 -37.08 5.17 -6.06
N LYS A 182 -37.37 4.37 -7.08
CA LYS A 182 -36.36 3.51 -7.69
C LYS A 182 -35.35 4.37 -8.44
N GLU A 183 -35.81 5.36 -9.20
CA GLU A 183 -34.92 6.25 -9.94
C GLU A 183 -34.17 7.19 -8.99
N LEU A 184 -34.79 7.60 -7.91
CA LEU A 184 -34.05 8.40 -6.91
C LEU A 184 -33.06 7.57 -6.07
N GLN A 185 -33.13 6.25 -6.17
CA GLN A 185 -32.43 5.31 -5.22
C GLN A 185 -32.67 5.72 -3.78
N ALA A 186 -33.95 5.84 -3.39
CA ALA A 186 -34.27 6.33 -2.04
C ALA A 186 -35.48 5.53 -1.53
N PRO A 187 -35.66 5.39 -0.19
CA PRO A 187 -36.78 4.59 0.35
C PRO A 187 -38.13 5.16 -0.06
N TYR A 188 -38.97 4.30 -0.63
CA TYR A 188 -40.31 4.67 -1.01
C TYR A 188 -41.04 5.41 0.10
N GLU A 189 -40.97 4.92 1.36
CA GLU A 189 -41.68 5.62 2.38
C GLU A 189 -41.32 7.10 2.54
N LEU A 190 -40.05 7.43 2.39
CA LEU A 190 -39.65 8.87 2.52
C LEU A 190 -40.01 9.65 1.23
N VAL A 191 -39.91 8.96 0.08
CA VAL A 191 -40.37 9.60 -1.18
C VAL A 191 -41.84 9.95 -1.12
N ALA A 192 -42.67 8.98 -0.72
CA ALA A 192 -44.11 9.21 -0.58
C ALA A 192 -44.40 10.36 0.40
N GLU A 193 -43.59 10.47 1.45
CA GLU A 193 -43.86 11.48 2.48
C GLU A 193 -43.53 12.87 1.91
N VAL A 194 -42.39 12.96 1.18
CA VAL A 194 -42.01 14.22 0.52
C VAL A 194 -43.15 14.63 -0.49
N ALA A 195 -43.63 13.65 -1.26
CA ALA A 195 -44.68 13.89 -2.28
C ALA A 195 -45.94 14.49 -1.58
N ARG A 196 -46.30 13.97 -0.40
CA ARG A 196 -47.51 14.53 0.38
C ARG A 196 -47.27 15.84 1.07
N ALA A 197 -46.10 16.03 1.67
CA ALA A 197 -45.82 17.21 2.48
C ALA A 197 -45.22 18.37 1.72
N GLY A 198 -44.60 18.09 0.57
CA GLY A 198 -43.88 19.11 -0.16
C GLY A 198 -42.71 19.67 0.55
N LYS A 199 -42.08 18.89 1.47
CA LYS A 199 -40.99 19.41 2.28
C LYS A 199 -40.03 18.22 2.50
N LEU A 200 -38.75 18.48 2.60
CA LEU A 200 -37.83 17.47 3.14
C LEU A 200 -38.24 17.07 4.60
N PRO A 201 -38.04 15.77 4.99
CA PRO A 201 -38.50 15.35 6.29
C PRO A 201 -37.71 16.07 7.46
N VAL A 202 -36.53 16.68 7.18
CA VAL A 202 -35.79 17.38 8.20
C VAL A 202 -35.34 18.74 7.60
N THR A 203 -34.87 19.64 8.43
CA THR A 203 -34.44 20.92 7.94
C THR A 203 -33.27 20.82 6.91
N LEU A 204 -33.36 21.70 5.91
CA LEU A 204 -32.39 21.85 4.86
C LEU A 204 -31.65 23.20 4.98
N PHE A 205 -30.33 23.16 5.09
CA PHE A 205 -29.51 24.38 5.10
C PHE A 205 -28.57 24.36 3.91
N THR A 206 -27.95 25.50 3.61
CA THR A 206 -26.99 25.59 2.52
C THR A 206 -25.64 25.77 3.03
N ALA A 207 -24.68 25.08 2.40
CA ALA A 207 -23.28 25.27 2.76
C ALA A 207 -22.43 25.15 1.53
N GLY A 208 -21.16 25.50 1.62
CA GLY A 208 -20.25 25.31 0.50
C GLY A 208 -20.23 26.54 -0.40
N GLY A 209 -19.33 27.46 -0.19
CA GLY A 209 -19.09 28.49 -1.29
C GLY A 209 -19.90 29.78 -1.08
N ILE A 210 -20.51 29.90 0.09
CA ILE A 210 -21.25 31.13 0.41
C ILE A 210 -20.16 32.14 0.81
N ALA A 211 -19.95 33.17 0.00
CA ALA A 211 -18.88 34.17 0.26
C ALA A 211 -19.44 35.53 0.68
N THR A 212 -20.53 35.99 0.05
CA THR A 212 -21.04 37.34 0.32
C THR A 212 -22.45 37.37 0.92
N PRO A 213 -22.88 38.56 1.41
CA PRO A 213 -24.23 38.64 1.87
C PRO A 213 -25.23 38.29 0.78
N ALA A 214 -24.95 38.74 -0.46
CA ALA A 214 -25.85 38.40 -1.50
C ALA A 214 -25.97 36.84 -1.71
N ASP A 215 -24.86 36.13 -1.59
CA ASP A 215 -24.87 34.65 -1.74
C ASP A 215 -25.80 34.06 -0.69
N ALA A 216 -25.60 34.52 0.57
CA ALA A 216 -26.42 33.95 1.66
C ALA A 216 -27.89 34.18 1.45
N ALA A 217 -28.34 35.41 1.14
CA ALA A 217 -29.72 35.64 0.91
C ALA A 217 -30.26 34.88 -0.36
N MET A 218 -29.39 34.73 -1.37
CA MET A 218 -29.86 33.97 -2.57
C MET A 218 -30.18 32.54 -2.19
N MET A 219 -29.38 31.92 -1.28
CA MET A 219 -29.60 30.53 -0.95
C MET A 219 -30.87 30.48 -0.14
N MET A 220 -31.07 31.43 0.79
CA MET A 220 -32.40 31.49 1.45
C MET A 220 -33.59 31.65 0.51
N GLN A 221 -33.45 32.51 -0.51
CA GLN A 221 -34.52 32.63 -1.44
C GLN A 221 -34.68 31.33 -2.28
N LEU A 222 -33.63 30.51 -2.38
CA LEU A 222 -33.83 29.20 -3.08
C LEU A 222 -34.38 28.11 -2.10
N GLY A 223 -34.83 28.49 -0.88
CA GLY A 223 -35.47 27.48 0.04
C GLY A 223 -34.56 27.02 1.19
N ALA A 224 -33.31 27.45 1.31
CA ALA A 224 -32.49 27.12 2.48
C ALA A 224 -33.19 27.63 3.76
N GLU A 225 -33.07 26.89 4.87
CA GLU A 225 -33.69 27.38 6.11
C GLU A 225 -32.63 27.95 7.00
N GLY A 226 -31.41 28.06 6.52
CA GLY A 226 -30.28 28.57 7.26
C GLY A 226 -28.97 28.37 6.47
N VAL A 227 -27.83 28.88 6.91
CA VAL A 227 -26.63 28.74 6.12
C VAL A 227 -25.43 28.43 6.97
N PHE A 228 -24.48 27.69 6.40
CA PHE A 228 -23.17 27.52 6.97
C PHE A 228 -22.17 28.43 6.23
N VAL A 229 -21.33 29.11 6.98
CA VAL A 229 -20.21 29.88 6.35
C VAL A 229 -18.85 29.51 6.93
N GLY A 230 -17.81 29.62 6.08
CA GLY A 230 -16.44 29.24 6.39
C GLY A 230 -15.64 30.32 7.16
N SER A 231 -14.47 29.96 7.66
CA SER A 231 -13.78 30.90 8.58
C SER A 231 -13.12 32.07 7.78
N GLY A 232 -13.32 32.01 6.45
CA GLY A 232 -13.03 33.12 5.53
C GLY A 232 -13.44 34.47 6.10
N ILE A 233 -14.64 34.51 6.67
CA ILE A 233 -15.19 35.62 7.44
C ILE A 233 -14.19 36.29 8.43
N PHE A 234 -13.33 35.48 9.05
CA PHE A 234 -12.37 35.97 10.08
C PHE A 234 -11.00 36.25 9.47
N LYS A 235 -10.72 35.64 8.32
CA LYS A 235 -9.51 35.87 7.52
C LYS A 235 -9.53 37.23 6.79
N SER A 236 -10.59 38.04 6.98
CA SER A 236 -10.89 39.16 6.08
C SER A 236 -10.52 40.57 6.56
N GLY A 237 -10.36 40.76 7.86
CA GLY A 237 -9.76 42.01 8.30
C GLY A 237 -10.51 42.81 9.34
N ALA A 238 -11.83 42.94 9.18
CA ALA A 238 -12.67 43.53 10.21
C ALA A 238 -13.75 42.48 10.49
N PRO A 239 -13.32 41.38 11.17
CA PRO A 239 -14.17 40.18 11.21
C PRO A 239 -15.54 40.41 11.88
N GLU A 240 -15.62 41.27 12.90
CA GLU A 240 -16.92 41.52 13.54
C GLU A 240 -17.93 42.02 12.49
N HIS A 241 -17.47 42.86 11.56
CA HIS A 241 -18.31 43.47 10.50
C HIS A 241 -18.74 42.45 9.45
N ARG A 242 -17.81 41.65 8.90
CA ARG A 242 -18.13 40.64 7.88
C ARG A 242 -19.11 39.58 8.43
N ALA A 243 -18.87 39.13 9.66
CA ALA A 243 -19.71 38.15 10.31
C ALA A 243 -21.10 38.69 10.52
N ALA A 244 -21.19 39.94 11.00
CA ALA A 244 -22.53 40.50 11.29
C ALA A 244 -23.32 40.76 9.98
N ALA A 245 -22.60 41.08 8.92
CA ALA A 245 -23.23 41.35 7.60
C ALA A 245 -23.93 40.04 7.09
N ILE A 246 -23.22 38.91 7.24
CA ILE A 246 -23.76 37.66 6.74
C ILE A 246 -24.95 37.28 7.59
N VAL A 247 -24.86 37.45 8.94
CA VAL A 247 -26.09 37.21 9.75
C VAL A 247 -27.29 38.02 9.38
N LYS A 248 -27.08 39.33 9.18
CA LYS A 248 -28.24 40.22 8.84
C LYS A 248 -28.83 39.86 7.45
N ALA A 249 -27.94 39.56 6.52
CA ALA A 249 -28.37 39.12 5.15
C ALA A 249 -29.26 37.88 5.22
N THR A 250 -28.93 36.95 6.14
CA THR A 250 -29.67 35.67 6.25
C THR A 250 -31.02 35.93 6.95
N THR A 251 -31.05 36.83 7.98
CA THR A 251 -32.36 37.19 8.62
C THR A 251 -33.26 38.00 7.71
N PHE A 252 -32.67 38.92 6.98
CA PHE A 252 -33.36 39.87 6.15
C PHE A 252 -33.23 39.56 4.64
N PHE A 253 -33.24 38.29 4.29
CA PHE A 253 -32.90 37.81 2.96
C PHE A 253 -33.82 38.31 1.86
N ASP A 254 -35.01 38.68 2.25
CA ASP A 254 -36.01 39.19 1.35
C ASP A 254 -36.11 40.72 1.27
N ASP A 255 -35.18 41.42 1.87
CA ASP A 255 -35.16 42.88 1.87
C ASP A 255 -33.95 43.49 1.17
N PRO A 256 -34.12 43.88 -0.09
CA PRO A 256 -32.95 44.37 -0.88
C PRO A 256 -32.29 45.63 -0.30
N ASP A 257 -33.09 46.48 0.37
CA ASP A 257 -32.45 47.61 1.10
C ASP A 257 -31.50 47.21 2.17
N VAL A 258 -31.88 46.28 3.04
CA VAL A 258 -30.90 45.78 4.01
C VAL A 258 -29.72 45.07 3.37
N LEU A 259 -29.99 44.21 2.37
CA LEU A 259 -28.86 43.54 1.67
C LEU A 259 -27.88 44.58 1.06
N ALA A 260 -28.37 45.67 0.45
CA ALA A 260 -27.45 46.71 -0.07
C ALA A 260 -26.61 47.31 1.04
N LYS A 261 -27.27 47.65 2.14
CA LYS A 261 -26.53 48.29 3.25
C LYS A 261 -25.42 47.42 3.82
N VAL A 262 -25.72 46.13 4.08
CA VAL A 262 -24.68 45.27 4.69
C VAL A 262 -23.63 44.82 3.69
N SER A 263 -23.90 45.02 2.38
CA SER A 263 -22.79 44.74 1.43
C SER A 263 -21.87 45.93 1.29
N ARG A 264 -22.34 47.13 1.67
CA ARG A 264 -21.50 48.33 1.48
C ARG A 264 -20.15 48.15 2.17
N THR B 1 -10.63 -31.83 8.71
CA THR B 1 -10.09 -30.43 8.76
C THR B 1 -8.87 -30.17 7.87
N ALA B 2 -8.92 -29.00 7.23
CA ALA B 2 -7.88 -28.48 6.35
C ALA B 2 -6.57 -28.20 7.10
N ARG B 3 -5.50 -28.18 6.33
CA ARG B 3 -4.16 -28.00 6.93
C ARG B 3 -3.92 -26.47 7.12
N VAL B 4 -3.80 -26.04 8.38
CA VAL B 4 -3.67 -24.60 8.69
C VAL B 4 -2.74 -24.52 9.88
N LYS B 5 -1.88 -23.50 9.89
CA LYS B 5 -1.07 -23.24 11.05
C LYS B 5 -1.91 -22.48 12.11
N ARG B 6 -2.54 -23.24 12.97
CA ARG B 6 -3.49 -22.67 13.96
C ARG B 6 -2.84 -22.28 15.28
N GLY B 7 -3.46 -21.30 15.96
CA GLY B 7 -3.25 -20.93 17.38
C GLY B 7 -1.85 -20.39 17.62
N MET B 8 -1.24 -19.74 16.63
CA MET B 8 0.22 -19.41 16.81
C MET B 8 0.40 -17.93 17.29
N ALA B 9 -0.75 -17.24 17.45
CA ALA B 9 -0.72 -15.80 17.81
C ALA B 9 -1.66 -15.43 18.98
N GLU B 10 -1.92 -16.40 19.87
CA GLU B 10 -2.89 -16.22 20.97
C GLU B 10 -2.50 -15.10 21.91
N MET B 11 -1.21 -14.98 22.19
CA MET B 11 -0.73 -13.99 23.12
C MET B 11 -0.81 -12.60 22.51
N LEU B 12 -0.94 -12.49 21.16
CA LEU B 12 -1.02 -11.16 20.55
C LEU B 12 -2.43 -10.61 20.50
N LYS B 13 -3.43 -11.46 20.66
CA LYS B 13 -4.82 -11.03 20.46
C LYS B 13 -5.15 -9.91 21.43
N GLY B 14 -5.88 -8.90 20.99
CA GLY B 14 -6.26 -7.77 21.84
C GLY B 14 -5.15 -6.73 21.92
N GLY B 15 -4.05 -6.91 21.20
CA GLY B 15 -2.84 -6.13 21.40
C GLY B 15 -2.43 -5.27 20.21
N VAL B 16 -1.42 -4.42 20.44
CA VAL B 16 -0.85 -3.61 19.40
C VAL B 16 0.58 -4.02 19.13
N ILE B 17 0.92 -4.12 17.83
CA ILE B 17 2.25 -4.36 17.34
C ILE B 17 2.77 -3.10 16.77
N MET B 18 3.91 -2.61 17.28
CA MET B 18 4.47 -1.33 16.85
C MET B 18 5.71 -1.41 16.07
N ASP B 19 5.78 -0.69 14.97
CA ASP B 19 7.05 -0.65 14.23
C ASP B 19 8.11 0.09 15.06
N VAL B 20 9.34 -0.41 15.10
CA VAL B 20 10.42 0.28 15.85
C VAL B 20 11.71 0.21 15.07
N VAL B 21 12.44 1.33 15.03
CA VAL B 21 13.66 1.41 14.24
C VAL B 21 14.93 1.48 15.16
N THR B 22 14.73 1.53 16.49
CA THR B 22 15.83 1.65 17.52
C THR B 22 15.49 0.89 18.77
N PRO B 23 16.52 0.46 19.53
CA PRO B 23 16.16 -0.20 20.76
C PRO B 23 15.40 0.76 21.72
N GLU B 24 15.62 2.08 21.60
CA GLU B 24 14.91 3.06 22.44
C GLU B 24 13.41 3.07 22.11
N GLN B 25 13.12 3.08 20.82
CA GLN B 25 11.71 2.94 20.41
C GLN B 25 11.11 1.63 20.89
N ALA B 26 11.88 0.54 20.82
CA ALA B 26 11.40 -0.73 21.33
C ALA B 26 11.02 -0.72 22.80
N ARG B 27 11.87 -0.11 23.64
CA ARG B 27 11.54 0.01 25.08
C ARG B 27 10.31 0.91 25.34
N ILE B 28 10.14 1.98 24.58
CA ILE B 28 8.92 2.83 24.71
C ILE B 28 7.68 2.00 24.35
N ALA B 29 7.80 1.19 23.30
CA ALA B 29 6.71 0.29 22.86
C ALA B 29 6.35 -0.66 23.95
N GLU B 30 7.35 -1.37 24.47
CA GLU B 30 7.06 -2.34 25.52
C GLU B 30 6.45 -1.65 26.77
N GLY B 31 6.99 -0.49 27.15
CA GLY B 31 6.49 0.22 28.43
C GLY B 31 5.07 0.74 28.20
N ALA B 32 4.69 0.95 26.92
CA ALA B 32 3.32 1.38 26.59
C ALA B 32 2.28 0.25 26.63
N GLY B 33 2.74 -0.98 26.77
CA GLY B 33 1.88 -2.12 26.76
C GLY B 33 1.70 -2.78 25.35
N ALA B 34 2.59 -2.52 24.38
CA ALA B 34 2.57 -3.29 23.08
C ALA B 34 2.70 -4.78 23.37
N VAL B 35 2.01 -5.63 22.54
CA VAL B 35 2.22 -7.05 22.60
C VAL B 35 3.44 -7.56 21.84
N ALA B 36 3.91 -6.82 20.83
CA ALA B 36 5.04 -7.21 20.02
C ALA B 36 5.59 -5.95 19.37
N VAL B 37 6.82 -6.02 18.85
CA VAL B 37 7.33 -4.92 18.05
C VAL B 37 7.76 -5.46 16.71
N MET B 38 7.68 -4.62 15.70
CA MET B 38 8.18 -4.98 14.36
C MET B 38 9.50 -4.25 14.11
N ALA B 39 10.61 -4.99 14.10
CA ALA B 39 11.96 -4.40 13.86
C ALA B 39 12.09 -4.03 12.39
N LEU B 40 12.33 -2.76 12.09
CA LEU B 40 12.75 -2.40 10.73
C LEU B 40 13.75 -1.28 10.67
N GLU B 41 14.59 -1.29 9.64
CA GLU B 41 15.66 -0.26 9.42
C GLU B 41 15.09 0.99 8.85
N ARG B 42 14.17 0.88 7.89
CA ARG B 42 13.61 2.06 7.23
C ARG B 42 12.05 1.98 7.14
N VAL B 43 11.41 3.09 7.49
CA VAL B 43 9.95 3.29 7.70
C VAL B 43 9.07 3.24 6.38
N PRO B 44 7.78 2.70 6.42
CA PRO B 44 6.86 2.73 5.23
C PRO B 44 6.60 4.15 4.69
N ALA B 45 6.43 5.13 5.61
CA ALA B 45 6.44 6.58 5.28
C ALA B 45 7.74 7.10 4.56
N ASP B 46 8.96 6.65 4.97
CA ASP B 46 10.21 6.98 4.22
C ASP B 46 10.43 6.12 2.98
N ILE B 47 9.89 4.88 2.99
CA ILE B 47 9.95 3.99 1.80
C ILE B 47 9.10 4.64 0.69
N ARG B 48 7.91 5.11 1.08
CA ARG B 48 6.92 5.79 0.21
C ARG B 48 7.43 7.10 -0.48
N ALA B 49 8.33 7.84 0.17
CA ALA B 49 8.98 9.04 -0.42
C ALA B 49 10.36 8.74 -1.04
N GLN B 50 11.26 8.15 -0.26
CA GLN B 50 12.66 7.91 -0.68
C GLN B 50 12.77 6.85 -1.85
N GLY B 51 12.19 5.66 -1.69
CA GLY B 51 12.03 4.65 -2.78
C GLY B 51 13.22 3.89 -3.42
N GLY B 52 14.21 3.48 -2.66
CA GLY B 52 15.18 2.54 -3.27
C GLY B 52 14.47 1.18 -3.46
N VAL B 53 15.23 0.10 -3.50
CA VAL B 53 14.66 -1.22 -3.23
C VAL B 53 14.67 -1.35 -1.74
N SER B 54 13.57 -1.87 -1.14
CA SER B 54 13.47 -2.07 0.31
C SER B 54 13.59 -3.58 0.57
N ARG B 55 14.46 -4.03 1.47
CA ARG B 55 14.72 -5.49 1.66
C ARG B 55 14.62 -5.78 3.13
N MET B 56 14.90 -7.05 3.48
CA MET B 56 15.11 -7.51 4.86
C MET B 56 16.08 -6.58 5.56
N SER B 57 15.83 -6.33 6.83
CA SER B 57 16.73 -5.39 7.55
C SER B 57 18.06 -6.12 7.94
N ASP B 58 19.07 -5.33 8.28
CA ASP B 58 20.33 -5.94 8.76
C ASP B 58 20.11 -6.81 9.99
N PRO B 59 20.63 -8.03 9.96
CA PRO B 59 20.43 -8.86 11.11
C PRO B 59 20.95 -8.26 12.43
N ASP B 60 22.06 -7.51 12.37
CA ASP B 60 22.55 -6.79 13.60
C ASP B 60 21.49 -5.85 14.16
N MET B 61 20.82 -5.11 13.27
CA MET B 61 19.77 -4.17 13.70
C MET B 61 18.63 -4.96 14.39
N ILE B 62 18.20 -6.07 13.80
CA ILE B 62 17.10 -6.85 14.36
C ILE B 62 17.54 -7.48 15.71
N GLU B 63 18.76 -7.99 15.81
CA GLU B 63 19.28 -8.49 17.12
C GLU B 63 19.30 -7.43 18.23
N GLY B 64 19.65 -6.21 17.88
CA GLY B 64 19.66 -5.09 18.78
C GLY B 64 18.25 -4.83 19.33
N ILE B 65 17.22 -5.02 18.48
CA ILE B 65 15.83 -4.94 18.98
C ILE B 65 15.46 -6.14 19.88
N ILE B 66 15.78 -7.34 19.45
CA ILE B 66 15.51 -8.51 20.26
C ILE B 66 16.13 -8.36 21.67
N ALA B 67 17.29 -7.73 21.76
CA ALA B 67 18.06 -7.68 23.01
C ALA B 67 17.38 -6.68 23.94
N ALA B 68 16.62 -5.75 23.34
CA ALA B 68 16.05 -4.67 24.11
C ALA B 68 14.71 -4.92 24.80
N VAL B 69 14.01 -6.02 24.50
CA VAL B 69 12.68 -6.21 25.02
C VAL B 69 12.49 -7.60 25.35
N THR B 70 11.44 -7.92 26.09
CA THR B 70 11.06 -9.26 26.34
C THR B 70 9.85 -9.67 25.49
N ILE B 71 9.08 -8.69 25.03
CA ILE B 71 7.93 -9.07 24.17
C ILE B 71 8.44 -9.63 22.79
N PRO B 72 7.59 -10.38 22.05
CA PRO B 72 8.00 -10.93 20.71
C PRO B 72 8.44 -9.84 19.74
N VAL B 73 9.34 -10.21 18.81
CA VAL B 73 9.83 -9.29 17.89
C VAL B 73 9.51 -9.94 16.47
N MET B 74 8.95 -9.13 15.58
CA MET B 74 8.71 -9.58 14.23
C MET B 74 9.68 -8.86 13.32
N ALA B 75 9.92 -9.41 12.11
CA ALA B 75 10.62 -8.58 11.13
C ALA B 75 10.12 -9.00 9.72
N LYS B 76 10.41 -8.16 8.71
CA LYS B 76 9.87 -8.31 7.38
C LYS B 76 10.80 -8.96 6.40
N VAL B 77 10.18 -9.68 5.46
CA VAL B 77 10.91 -10.13 4.25
C VAL B 77 10.12 -9.66 3.02
N ARG B 78 10.80 -9.63 1.87
CA ARG B 78 10.15 -9.29 0.60
C ARG B 78 9.29 -10.51 0.21
N ILE B 79 8.19 -10.21 -0.47
CA ILE B 79 7.31 -11.24 -0.93
C ILE B 79 8.06 -12.21 -1.78
N GLY B 80 7.95 -13.52 -1.48
CA GLY B 80 8.57 -14.55 -2.33
C GLY B 80 10.07 -14.73 -1.98
N HIS B 81 10.58 -13.93 -1.02
CA HIS B 81 12.07 -14.03 -0.75
C HIS B 81 12.36 -15.06 0.34
N PHE B 82 12.29 -16.32 -0.05
CA PHE B 82 12.32 -17.39 0.94
C PHE B 82 13.73 -17.52 1.56
N VAL B 83 14.76 -16.95 0.94
CA VAL B 83 16.10 -16.95 1.63
C VAL B 83 16.21 -15.88 2.69
N GLU B 84 15.69 -14.71 2.41
CA GLU B 84 15.59 -13.73 3.52
C GLU B 84 14.82 -14.34 4.68
N ALA B 85 13.77 -15.14 4.43
CA ALA B 85 13.10 -15.79 5.54
C ALA B 85 13.96 -16.86 6.27
N GLN B 86 14.70 -17.65 5.49
CA GLN B 86 15.65 -18.67 6.05
C GLN B 86 16.63 -17.98 7.00
N ILE B 87 17.05 -16.78 6.65
CA ILE B 87 17.98 -15.98 7.49
C ILE B 87 17.28 -15.52 8.73
N LEU B 88 16.11 -14.89 8.55
CA LEU B 88 15.40 -14.45 9.76
C LEU B 88 15.06 -15.57 10.72
N GLN B 89 14.72 -16.74 10.22
CA GLN B 89 14.33 -17.79 11.09
C GLN B 89 15.55 -18.14 12.01
N THR B 90 16.78 -18.18 11.47
CA THR B 90 17.91 -18.54 12.35
C THR B 90 18.22 -17.44 13.36
N LEU B 91 17.77 -16.18 13.16
CA LEU B 91 18.01 -15.08 14.13
C LEU B 91 17.18 -15.22 15.34
N GLY B 92 16.10 -16.00 15.24
CA GLY B 92 15.20 -16.23 16.34
C GLY B 92 14.10 -15.14 16.44
N VAL B 93 13.73 -14.50 15.31
CA VAL B 93 12.58 -13.59 15.39
C VAL B 93 11.40 -14.47 15.71
N ASP B 94 10.39 -13.88 16.33
CA ASP B 94 9.22 -14.69 16.71
C ASP B 94 8.18 -14.86 15.56
N TYR B 95 8.18 -13.90 14.67
CA TYR B 95 7.28 -13.92 13.49
C TYR B 95 8.00 -13.29 12.35
N ILE B 96 7.70 -13.79 11.14
CA ILE B 96 8.18 -13.12 9.93
C ILE B 96 6.90 -12.54 9.24
N ASP B 97 7.02 -11.31 8.80
CA ASP B 97 5.96 -10.62 8.07
C ASP B 97 6.39 -10.66 6.58
N GLU B 98 5.72 -11.47 5.75
CA GLU B 98 6.01 -11.48 4.32
C GLU B 98 5.29 -10.25 3.76
N SER B 99 6.00 -9.16 3.56
CA SER B 99 5.39 -7.88 3.47
C SER B 99 5.45 -7.15 2.15
N GLU B 100 4.28 -6.68 1.74
CA GLU B 100 4.14 -5.85 0.55
C GLU B 100 4.69 -4.44 0.71
N VAL B 101 5.00 -4.07 1.92
CA VAL B 101 5.67 -2.81 2.19
C VAL B 101 7.07 -2.80 1.55
N LEU B 102 7.71 -3.95 1.50
CA LEU B 102 9.07 -4.09 0.93
C LEU B 102 8.88 -4.31 -0.56
N THR B 103 9.97 -4.21 -1.33
CA THR B 103 9.97 -4.46 -2.78
C THR B 103 9.81 -5.95 -3.09
N PRO B 104 8.68 -6.37 -3.72
CA PRO B 104 8.57 -7.84 -3.91
C PRO B 104 9.77 -8.45 -4.61
N ALA B 105 10.13 -9.70 -4.26
CA ALA B 105 11.28 -10.37 -4.87
C ALA B 105 10.74 -11.36 -5.87
N ASP B 106 9.47 -11.68 -5.80
CA ASP B 106 8.84 -12.60 -6.74
C ASP B 106 7.46 -12.03 -7.05
N TYR B 107 7.20 -11.67 -8.29
CA TYR B 107 5.92 -11.08 -8.70
C TYR B 107 4.76 -12.08 -8.75
N ALA B 108 5.09 -13.35 -8.79
CA ALA B 108 4.07 -14.37 -8.99
C ALA B 108 3.78 -15.25 -7.78
N HIS B 109 4.81 -15.65 -7.06
CA HIS B 109 4.69 -16.69 -6.02
C HIS B 109 5.05 -16.07 -4.67
N HIS B 110 4.27 -16.41 -3.64
CA HIS B 110 4.68 -16.09 -2.26
C HIS B 110 5.60 -17.22 -1.75
N ILE B 111 6.17 -16.98 -0.56
CA ILE B 111 6.94 -18.02 0.12
C ILE B 111 6.09 -19.22 0.50
N ASP B 112 6.64 -20.42 0.25
CA ASP B 112 6.00 -21.61 0.74
C ASP B 112 6.28 -21.65 2.28
N LYS B 113 5.30 -21.23 3.06
CA LYS B 113 5.57 -20.99 4.47
C LYS B 113 5.55 -22.32 5.29
N TRP B 114 5.14 -23.41 4.63
CA TRP B 114 5.18 -24.76 5.28
C TRP B 114 6.66 -25.22 5.47
N ASN B 115 7.56 -24.57 4.78
CA ASN B 115 8.99 -24.95 4.89
C ASN B 115 9.67 -24.40 6.14
N PHE B 116 8.87 -23.78 7.05
CA PHE B 116 9.44 -23.08 8.19
C PHE B 116 8.79 -23.53 9.45
N THR B 117 9.58 -23.43 10.53
CA THR B 117 9.05 -23.50 11.92
C THR B 117 8.46 -22.19 12.39
N VAL B 118 9.13 -21.07 12.09
CA VAL B 118 8.71 -19.76 12.55
C VAL B 118 7.32 -19.39 11.85
N PRO B 119 6.41 -18.79 12.61
CA PRO B 119 5.07 -18.42 11.98
C PRO B 119 5.21 -17.15 11.17
N PHE B 120 4.37 -17.03 10.10
CA PHE B 120 4.38 -15.85 9.24
C PHE B 120 3.06 -15.12 9.32
N VAL B 121 3.16 -13.79 9.25
CA VAL B 121 2.07 -12.90 9.04
C VAL B 121 2.07 -12.56 7.54
N CYS B 122 0.88 -12.56 6.89
CA CYS B 122 0.78 -12.11 5.47
C CYS B 122 -0.39 -11.12 5.38
N GLY B 123 -0.36 -10.30 4.34
CA GLY B 123 -1.39 -9.27 4.18
C GLY B 123 -2.55 -9.79 3.29
N ALA B 124 -3.70 -9.14 3.40
CA ALA B 124 -4.84 -9.45 2.54
C ALA B 124 -5.76 -8.25 2.39
N THR B 125 -6.42 -8.16 1.21
CA THR B 125 -7.38 -7.08 1.05
C THR B 125 -8.80 -7.70 0.96
N ASN B 126 -8.89 -9.01 0.87
CA ASN B 126 -10.21 -9.66 0.71
C ASN B 126 -10.09 -11.10 1.18
N LEU B 127 -11.24 -11.80 1.38
CA LEU B 127 -11.20 -13.09 2.02
C LEU B 127 -10.44 -14.07 1.10
N GLY B 128 -10.66 -14.03 -0.23
CA GLY B 128 -9.95 -15.00 -1.17
C GLY B 128 -8.41 -14.93 -0.94
N GLU B 129 -7.90 -13.73 -0.88
CA GLU B 129 -6.47 -13.51 -0.72
C GLU B 129 -6.01 -14.02 0.66
N ALA B 130 -6.76 -13.70 1.72
CA ALA B 130 -6.46 -14.24 3.01
C ALA B 130 -6.41 -15.75 2.96
N LEU B 131 -7.40 -16.37 2.36
CA LEU B 131 -7.37 -17.86 2.33
C LEU B 131 -6.19 -18.40 1.51
N ARG B 132 -5.83 -17.70 0.43
CA ARG B 132 -4.67 -18.23 -0.36
C ARG B 132 -3.38 -18.11 0.49
N ARG B 133 -3.24 -17.03 1.27
CA ARG B 133 -2.02 -16.92 2.21
C ARG B 133 -2.05 -18.00 3.24
N ILE B 134 -3.21 -18.27 3.82
CA ILE B 134 -3.29 -19.33 4.79
C ILE B 134 -3.04 -20.69 4.19
N SER B 135 -3.49 -20.92 2.93
CA SER B 135 -3.28 -22.22 2.24
C SER B 135 -1.74 -22.47 2.14
N GLU B 136 -0.99 -21.37 1.95
CA GLU B 136 0.51 -21.41 1.83
C GLU B 136 1.20 -21.49 3.17
N GLY B 137 0.43 -21.51 4.24
CA GLY B 137 1.07 -21.66 5.55
C GLY B 137 1.02 -20.47 6.46
N ALA B 138 0.47 -19.34 6.02
CA ALA B 138 0.40 -18.17 6.97
C ALA B 138 -0.26 -18.48 8.28
N ALA B 139 0.32 -17.94 9.37
CA ALA B 139 -0.27 -18.22 10.74
C ALA B 139 -1.07 -17.02 11.26
N MET B 140 -1.05 -15.92 10.54
CA MET B 140 -1.83 -14.75 10.89
C MET B 140 -2.05 -13.94 9.64
N ILE B 141 -3.19 -13.25 9.54
CA ILE B 141 -3.46 -12.34 8.38
C ILE B 141 -3.58 -10.94 8.94
N ARG B 142 -3.09 -9.91 8.23
CA ARG B 142 -3.40 -8.58 8.55
C ARG B 142 -3.96 -7.93 7.28
N SER B 143 -4.76 -6.88 7.42
CA SER B 143 -5.12 -6.07 6.24
C SER B 143 -3.86 -5.41 5.68
N LYS B 144 -3.86 -5.06 4.39
CA LYS B 144 -2.81 -4.29 3.86
C LYS B 144 -3.04 -2.81 4.23
N GLY B 145 -4.27 -2.32 4.35
CA GLY B 145 -4.54 -0.88 4.45
C GLY B 145 -3.76 -0.10 3.37
N GLU B 146 -3.33 1.10 3.67
CA GLU B 146 -2.35 1.78 2.81
C GLU B 146 -1.22 2.23 3.69
N ALA B 147 -0.08 1.56 3.56
CA ALA B 147 1.03 1.73 4.50
C ALA B 147 1.67 3.12 4.42
N GLY B 148 2.03 3.64 5.61
CA GLY B 148 2.67 4.96 5.77
C GLY B 148 1.94 6.17 5.21
N THR B 149 0.62 6.16 5.18
CA THR B 149 -0.15 7.38 4.81
C THR B 149 -0.95 8.03 6.00
N GLY B 150 -1.18 7.27 7.07
CA GLY B 150 -2.12 7.76 8.11
C GLY B 150 -3.60 7.80 7.68
N ASP B 151 -3.93 7.27 6.48
CA ASP B 151 -5.35 7.26 6.05
C ASP B 151 -6.02 5.90 6.29
N VAL B 152 -6.97 5.80 7.23
CA VAL B 152 -7.50 4.51 7.69
C VAL B 152 -8.46 3.91 6.61
N SER B 153 -8.88 4.69 5.60
CA SER B 153 -10.01 4.25 4.72
C SER B 153 -9.67 2.94 4.02
N ASN B 154 -8.43 2.68 3.60
CA ASN B 154 -8.26 1.43 2.88
C ASN B 154 -8.37 0.26 3.85
N ALA B 155 -7.87 0.41 5.08
CA ALA B 155 -8.01 -0.64 6.08
C ALA B 155 -9.51 -0.88 6.34
N THR B 156 -10.36 0.20 6.38
CA THR B 156 -11.79 0.01 6.54
C THR B 156 -12.29 -0.92 5.43
N THR B 157 -11.90 -0.61 4.23
CA THR B 157 -12.44 -1.41 3.08
C THR B 157 -12.01 -2.87 3.22
N HIS B 158 -10.72 -3.08 3.58
CA HIS B 158 -10.24 -4.45 3.70
C HIS B 158 -10.97 -5.20 4.81
N MET B 159 -11.16 -4.50 5.95
CA MET B 159 -11.75 -5.26 7.02
C MET B 159 -13.25 -5.55 6.72
N ARG B 160 -13.90 -4.60 6.06
CA ARG B 160 -15.34 -4.86 5.71
C ARG B 160 -15.45 -5.92 4.61
N ALA B 161 -14.44 -5.95 3.72
CA ALA B 161 -14.47 -6.97 2.62
C ALA B 161 -14.27 -8.35 3.21
N ILE B 162 -13.21 -8.55 4.02
CA ILE B 162 -12.96 -9.86 4.64
C ILE B 162 -14.11 -10.31 5.55
N GLY B 163 -14.55 -9.39 6.43
CA GLY B 163 -15.59 -9.74 7.36
C GLY B 163 -16.94 -9.93 6.65
N GLY B 164 -17.20 -9.15 5.62
CA GLY B 164 -18.50 -9.24 4.90
C GLY B 164 -18.57 -10.58 4.18
N GLU B 165 -17.44 -11.04 3.63
CA GLU B 165 -17.49 -12.32 2.90
C GLU B 165 -17.58 -13.47 3.84
N ILE B 166 -16.93 -13.37 5.03
CA ILE B 166 -17.06 -14.46 6.03
C ILE B 166 -18.57 -14.55 6.37
N ARG B 167 -19.20 -13.39 6.62
CA ARG B 167 -20.65 -13.41 7.00
C ARG B 167 -21.45 -14.04 5.87
N ARG B 168 -21.17 -13.65 4.63
CA ARG B 168 -21.95 -14.21 3.50
C ARG B 168 -21.74 -15.72 3.43
N LEU B 169 -20.51 -16.20 3.69
CA LEU B 169 -20.39 -17.71 3.64
C LEU B 169 -21.18 -18.42 4.74
N THR B 170 -21.29 -17.79 5.90
CA THR B 170 -21.93 -18.47 7.02
C THR B 170 -23.38 -18.74 6.75
N SER B 171 -24.05 -17.87 5.99
CA SER B 171 -25.50 -18.10 5.80
C SER B 171 -25.82 -18.71 4.43
N MET B 172 -24.79 -18.96 3.65
CA MET B 172 -24.93 -19.46 2.25
C MET B 172 -25.45 -20.91 2.21
N SER B 173 -26.33 -21.17 1.25
CA SER B 173 -26.78 -22.59 1.02
C SER B 173 -25.52 -23.44 0.77
N GLU B 174 -25.40 -24.58 1.48
CA GLU B 174 -24.13 -25.40 1.42
C GLU B 174 -23.76 -25.84 0.02
N ASP B 175 -24.79 -26.13 -0.78
CA ASP B 175 -24.53 -26.60 -2.15
C ASP B 175 -23.96 -25.50 -3.06
N GLU B 176 -23.94 -24.22 -2.60
CA GLU B 176 -23.40 -23.10 -3.42
C GLU B 176 -21.96 -22.79 -3.04
N LEU B 177 -21.50 -23.45 -1.98
CA LEU B 177 -20.07 -23.18 -1.51
C LEU B 177 -19.00 -23.62 -2.49
N PHE B 178 -19.27 -24.62 -3.36
CA PHE B 178 -18.26 -24.98 -4.38
C PHE B 178 -18.03 -23.84 -5.35
N VAL B 179 -19.13 -23.30 -5.89
CA VAL B 179 -19.00 -22.12 -6.74
C VAL B 179 -18.43 -20.95 -5.93
N ALA B 180 -18.84 -20.79 -4.67
CA ALA B 180 -18.24 -19.64 -3.91
C ALA B 180 -16.70 -19.78 -3.84
N ALA B 181 -16.21 -21.01 -3.66
CA ALA B 181 -14.72 -21.22 -3.60
C ALA B 181 -14.09 -20.86 -4.94
N LYS B 182 -14.73 -21.28 -6.02
CA LYS B 182 -14.26 -20.83 -7.35
C LYS B 182 -14.24 -19.32 -7.50
N GLU B 183 -15.31 -18.64 -7.14
CA GLU B 183 -15.33 -17.17 -7.27
C GLU B 183 -14.34 -16.47 -6.38
N LEU B 184 -14.11 -16.99 -5.18
CA LEU B 184 -13.09 -16.43 -4.23
C LEU B 184 -11.66 -16.77 -4.67
N GLN B 185 -11.52 -17.73 -5.63
CA GLN B 185 -10.23 -18.37 -6.03
C GLN B 185 -9.46 -18.80 -4.79
N ALA B 186 -10.16 -19.57 -3.99
CA ALA B 186 -9.69 -20.12 -2.71
C ALA B 186 -10.00 -21.59 -2.59
N PRO B 187 -9.21 -22.36 -1.78
CA PRO B 187 -9.43 -23.79 -1.66
C PRO B 187 -10.74 -24.01 -0.98
N TYR B 188 -11.52 -24.85 -1.60
CA TYR B 188 -12.82 -25.22 -1.02
C TYR B 188 -12.77 -25.64 0.45
N GLU B 189 -11.77 -26.45 0.84
CA GLU B 189 -11.70 -26.88 2.20
C GLU B 189 -11.61 -25.72 3.21
N LEU B 190 -10.90 -24.64 2.87
CA LEU B 190 -10.93 -23.52 3.80
C LEU B 190 -12.24 -22.71 3.72
N VAL B 191 -12.81 -22.59 2.53
CA VAL B 191 -14.08 -21.83 2.36
C VAL B 191 -15.14 -22.53 3.18
N ALA B 192 -15.18 -23.86 3.09
CA ALA B 192 -16.19 -24.61 3.86
C ALA B 192 -15.99 -24.49 5.36
N GLU B 193 -14.72 -24.39 5.79
CA GLU B 193 -14.47 -24.27 7.21
C GLU B 193 -14.89 -22.85 7.67
N VAL B 194 -14.57 -21.82 6.88
CA VAL B 194 -15.06 -20.48 7.28
C VAL B 194 -16.62 -20.42 7.31
N ALA B 195 -17.27 -21.07 6.34
CA ALA B 195 -18.78 -21.11 6.32
C ALA B 195 -19.29 -21.76 7.60
N ARG B 196 -18.59 -22.81 8.10
CA ARG B 196 -19.08 -23.57 9.27
C ARG B 196 -18.79 -22.79 10.54
N ALA B 197 -17.61 -22.20 10.65
CA ALA B 197 -17.10 -21.61 11.86
C ALA B 197 -17.44 -20.17 12.01
N GLY B 198 -17.68 -19.47 10.90
CA GLY B 198 -17.86 -18.04 10.94
C GLY B 198 -16.67 -17.25 11.33
N LYS B 199 -15.45 -17.80 11.13
CA LYS B 199 -14.24 -17.09 11.54
C LYS B 199 -13.21 -17.45 10.50
N LEU B 200 -12.27 -16.55 10.25
CA LEU B 200 -11.04 -16.92 9.57
C LEU B 200 -10.25 -18.04 10.33
N PRO B 201 -9.59 -19.01 9.61
CA PRO B 201 -8.95 -20.09 10.28
C PRO B 201 -7.75 -19.61 11.19
N VAL B 202 -7.24 -18.37 11.00
CA VAL B 202 -6.14 -17.87 11.83
C VAL B 202 -6.55 -16.46 12.29
N THR B 203 -5.80 -15.86 13.20
CA THR B 203 -6.22 -14.54 13.72
C THR B 203 -6.04 -13.45 12.64
N LEU B 204 -6.89 -12.42 12.71
CA LEU B 204 -6.96 -11.38 11.72
C LEU B 204 -6.70 -10.05 12.45
N PHE B 205 -5.62 -9.34 12.10
CA PHE B 205 -5.29 -8.02 12.62
C PHE B 205 -5.46 -6.97 11.55
N THR B 206 -5.60 -5.70 11.94
CA THR B 206 -5.59 -4.60 10.98
C THR B 206 -4.25 -3.91 10.94
N ALA B 207 -3.83 -3.46 9.75
CA ALA B 207 -2.62 -2.71 9.58
C ALA B 207 -2.85 -1.71 8.49
N GLY B 208 -2.03 -0.70 8.38
CA GLY B 208 -2.05 0.19 7.22
C GLY B 208 -2.85 1.43 7.52
N GLY B 209 -2.23 2.48 7.99
CA GLY B 209 -3.00 3.79 7.94
C GLY B 209 -3.77 4.06 9.28
N ILE B 210 -3.49 3.26 10.31
CA ILE B 210 -4.12 3.53 11.63
C ILE B 210 -3.30 4.68 12.23
N ALA B 211 -3.91 5.83 12.46
CA ALA B 211 -3.10 6.97 12.92
C ALA B 211 -3.53 7.37 14.37
N THR B 212 -4.81 7.26 14.68
CA THR B 212 -5.30 7.78 15.94
C THR B 212 -5.92 6.64 16.81
N PRO B 213 -6.15 6.93 18.12
CA PRO B 213 -6.90 5.97 18.97
C PRO B 213 -8.27 5.67 18.40
N ALA B 214 -8.97 6.68 17.84
CA ALA B 214 -10.31 6.43 17.29
C ALA B 214 -10.18 5.39 16.10
N ASP B 215 -9.14 5.51 15.31
CA ASP B 215 -8.92 4.56 14.15
C ASP B 215 -8.76 3.14 14.67
N ALA B 216 -7.84 2.97 15.63
CA ALA B 216 -7.59 1.63 16.16
C ALA B 216 -8.85 1.00 16.68
N ALA B 217 -9.60 1.76 17.50
CA ALA B 217 -10.83 1.22 18.09
C ALA B 217 -11.85 0.90 16.96
N MET B 218 -11.90 1.78 15.94
CA MET B 218 -12.88 1.52 14.86
C MET B 218 -12.53 0.13 14.20
N MET B 219 -11.26 -0.14 13.97
CA MET B 219 -10.79 -1.43 13.29
C MET B 219 -11.16 -2.59 14.20
N MET B 220 -10.96 -2.43 15.54
CA MET B 220 -11.51 -3.46 16.48
C MET B 220 -13.02 -3.70 16.44
N GLN B 221 -13.76 -2.59 16.31
CA GLN B 221 -15.22 -2.68 16.24
C GLN B 221 -15.64 -3.28 14.89
N LEU B 222 -14.77 -3.21 13.89
CA LEU B 222 -14.99 -3.96 12.60
C LEU B 222 -14.52 -5.46 12.58
N GLY B 223 -14.11 -6.02 13.73
CA GLY B 223 -13.73 -7.46 13.77
C GLY B 223 -12.23 -7.71 13.89
N ALA B 224 -11.39 -6.69 13.89
CA ALA B 224 -9.98 -6.88 14.04
C ALA B 224 -9.72 -7.53 15.40
N GLU B 225 -8.74 -8.42 15.45
CA GLU B 225 -8.36 -9.08 16.74
C GLU B 225 -7.17 -8.39 17.39
N GLY B 226 -6.63 -7.35 16.72
CA GLY B 226 -5.46 -6.65 17.19
C GLY B 226 -5.03 -5.68 16.06
N VAL B 227 -4.08 -4.81 16.34
CA VAL B 227 -3.67 -3.83 15.34
C VAL B 227 -2.16 -3.68 15.22
N PHE B 228 -1.73 -3.34 14.00
CA PHE B 228 -0.32 -2.89 13.76
C PHE B 228 -0.31 -1.36 13.58
N VAL B 229 0.66 -0.70 14.16
CA VAL B 229 0.81 0.73 13.96
C VAL B 229 2.25 1.09 13.64
N GLY B 230 2.43 2.17 12.88
CA GLY B 230 3.70 2.56 12.24
C GLY B 230 4.57 3.42 13.17
N SER B 231 5.80 3.72 12.78
CA SER B 231 6.67 4.44 13.76
C SER B 231 6.35 5.96 13.93
N GLY B 232 5.34 6.47 13.22
CA GLY B 232 4.88 7.88 13.36
C GLY B 232 4.45 8.21 14.80
N ILE B 233 4.01 7.15 15.48
CA ILE B 233 3.68 7.18 16.89
C ILE B 233 4.92 7.67 17.71
N PHE B 234 6.13 7.53 17.14
CA PHE B 234 7.38 7.97 17.82
C PHE B 234 7.80 9.35 17.35
N LYS B 235 7.76 9.55 16.02
CA LYS B 235 8.15 10.79 15.34
C LYS B 235 7.34 12.06 15.72
N SER B 236 6.34 11.95 16.62
CA SER B 236 5.37 13.06 16.88
C SER B 236 5.32 13.71 18.31
N GLY B 237 6.34 13.46 19.14
CA GLY B 237 6.61 14.37 20.26
C GLY B 237 6.45 13.96 21.72
N ALA B 238 5.35 13.28 22.08
CA ALA B 238 5.21 12.69 23.43
C ALA B 238 5.02 11.17 23.24
N PRO B 239 6.07 10.49 22.73
CA PRO B 239 5.97 9.12 22.24
C PRO B 239 5.43 8.17 23.29
N GLU B 240 5.84 8.31 24.57
CA GLU B 240 5.22 7.48 25.62
C GLU B 240 3.68 7.63 25.64
N HIS B 241 3.24 8.88 25.46
CA HIS B 241 1.83 9.21 25.60
C HIS B 241 1.02 8.63 24.40
N ARG B 242 1.50 8.87 23.18
CA ARG B 242 0.80 8.44 21.99
C ARG B 242 0.67 6.90 21.88
N ALA B 243 1.75 6.21 22.23
CA ALA B 243 1.84 4.73 22.17
C ALA B 243 0.87 4.16 23.18
N ALA B 244 0.88 4.71 24.40
CA ALA B 244 -0.02 4.25 25.46
C ALA B 244 -1.49 4.45 25.09
N ALA B 245 -1.81 5.57 24.45
CA ALA B 245 -3.22 5.90 24.07
C ALA B 245 -3.76 4.86 23.06
N ILE B 246 -2.92 4.48 22.08
CA ILE B 246 -3.35 3.46 21.08
C ILE B 246 -3.51 2.10 21.76
N VAL B 247 -2.60 1.72 22.69
CA VAL B 247 -2.77 0.45 23.43
C VAL B 247 -4.09 0.49 24.13
N LYS B 248 -4.39 1.58 24.88
CA LYS B 248 -5.68 1.56 25.65
C LYS B 248 -6.93 1.52 24.75
N ALA B 249 -6.82 2.19 23.61
CA ALA B 249 -7.98 2.30 22.66
C ALA B 249 -8.23 0.90 22.04
N THR B 250 -7.19 0.15 21.81
CA THR B 250 -7.31 -1.23 21.31
C THR B 250 -7.89 -2.22 22.33
N THR B 251 -7.34 -2.13 23.56
CA THR B 251 -7.94 -2.91 24.67
C THR B 251 -9.37 -2.52 25.02
N PHE B 252 -9.70 -1.22 25.16
CA PHE B 252 -11.00 -0.78 25.62
C PHE B 252 -11.73 -0.11 24.43
N PHE B 253 -11.72 -0.83 23.30
CA PHE B 253 -12.23 -0.24 22.01
C PHE B 253 -13.71 0.09 22.04
N ASP B 254 -14.46 -0.56 22.95
CA ASP B 254 -15.90 -0.37 22.96
C ASP B 254 -16.29 0.63 24.04
N ASP B 255 -15.38 1.36 24.61
CA ASP B 255 -15.75 2.32 25.70
C ASP B 255 -15.48 3.76 25.28
N PRO B 256 -16.54 4.53 24.97
CA PRO B 256 -16.27 5.82 24.35
C PRO B 256 -15.63 6.83 25.34
N ASP B 257 -15.97 6.70 26.65
CA ASP B 257 -15.26 7.57 27.64
C ASP B 257 -13.81 7.31 27.70
N VAL B 258 -13.39 6.02 27.67
CA VAL B 258 -11.97 5.77 27.52
C VAL B 258 -11.36 6.44 26.28
N LEU B 259 -12.02 6.21 25.13
CA LEU B 259 -11.49 6.74 23.84
C LEU B 259 -11.40 8.28 23.86
N ALA B 260 -12.41 8.96 24.47
CA ALA B 260 -12.34 10.45 24.65
C ALA B 260 -11.15 10.85 25.51
N LYS B 261 -10.94 10.12 26.61
CA LYS B 261 -9.81 10.49 27.52
C LYS B 261 -8.47 10.27 26.82
N VAL B 262 -8.30 9.15 26.10
CA VAL B 262 -6.97 8.90 25.58
C VAL B 262 -6.77 9.70 24.35
N SER B 263 -7.83 10.31 23.82
CA SER B 263 -7.64 11.14 22.61
C SER B 263 -7.22 12.58 22.90
N ARG B 264 -7.38 13.02 24.16
CA ARG B 264 -6.99 14.37 24.64
C ARG B 264 -5.45 14.45 24.75
N THR C 1 21.88 -35.96 -31.88
CA THR C 1 22.90 -35.18 -31.11
C THR C 1 23.15 -33.73 -31.61
N ALA C 2 22.38 -32.77 -31.05
CA ALA C 2 22.31 -31.35 -31.50
C ALA C 2 23.65 -30.55 -31.45
N ARG C 3 23.84 -29.58 -32.34
CA ARG C 3 25.14 -28.82 -32.31
C ARG C 3 25.14 -27.73 -31.23
N VAL C 4 25.99 -27.86 -30.21
CA VAL C 4 26.02 -26.97 -29.04
C VAL C 4 27.46 -26.84 -28.58
N LYS C 5 27.89 -25.65 -28.18
CA LYS C 5 29.18 -25.50 -27.56
C LYS C 5 29.08 -25.87 -26.10
N ARG C 6 29.30 -27.14 -25.85
CA ARG C 6 29.14 -27.73 -24.53
C ARG C 6 30.40 -27.62 -23.68
N GLY C 7 30.23 -27.61 -22.36
CA GLY C 7 31.30 -27.80 -21.41
C GLY C 7 32.38 -26.74 -21.44
N MET C 8 32.05 -25.50 -21.79
CA MET C 8 33.10 -24.45 -21.85
C MET C 8 33.19 -23.57 -20.61
N ALA C 9 32.43 -23.87 -19.57
CA ALA C 9 32.46 -23.04 -18.35
C ALA C 9 32.51 -23.90 -17.09
N GLU C 10 33.16 -25.06 -17.17
CA GLU C 10 33.17 -26.05 -16.08
C GLU C 10 33.81 -25.47 -14.84
N MET C 11 34.81 -24.62 -15.06
CA MET C 11 35.58 -24.07 -13.97
C MET C 11 34.82 -22.94 -13.30
N LEU C 12 33.77 -22.39 -13.94
CA LEU C 12 33.08 -21.30 -13.29
C LEU C 12 31.91 -21.79 -12.47
N LYS C 13 31.47 -23.02 -12.67
CA LYS C 13 30.23 -23.47 -11.98
C LYS C 13 30.41 -23.35 -10.48
N GLY C 14 29.37 -22.85 -9.83
CA GLY C 14 29.33 -22.67 -8.37
C GLY C 14 29.87 -21.32 -7.96
N GLY C 15 30.39 -20.51 -8.93
CA GLY C 15 31.10 -19.31 -8.55
C GLY C 15 30.44 -17.99 -8.86
N VAL C 16 31.13 -16.91 -8.51
CA VAL C 16 30.67 -15.59 -8.68
C VAL C 16 31.57 -14.88 -9.71
N ILE C 17 30.94 -14.23 -10.72
CA ILE C 17 31.67 -13.34 -11.65
C ILE C 17 31.39 -11.92 -11.30
N MET C 18 32.46 -11.11 -11.11
CA MET C 18 32.28 -9.75 -10.62
C MET C 18 32.65 -8.72 -11.71
N ASP C 19 31.82 -7.74 -11.92
CA ASP C 19 32.17 -6.61 -12.79
C ASP C 19 33.30 -5.81 -12.16
N VAL C 20 34.32 -5.49 -12.95
CA VAL C 20 35.43 -4.69 -12.40
C VAL C 20 35.80 -3.57 -13.38
N VAL C 21 36.04 -2.39 -12.82
CA VAL C 21 36.33 -1.20 -13.67
C VAL C 21 37.80 -0.77 -13.59
N THR C 22 38.57 -1.32 -12.64
CA THR C 22 40.02 -1.01 -12.50
C THR C 22 40.82 -2.25 -12.12
N PRO C 23 42.15 -2.27 -12.39
CA PRO C 23 42.93 -3.43 -11.96
C PRO C 23 42.81 -3.71 -10.43
N GLU C 24 42.61 -2.67 -9.62
CA GLU C 24 42.53 -2.84 -8.13
C GLU C 24 41.26 -3.62 -7.78
N GLN C 25 40.15 -3.27 -8.44
CA GLN C 25 38.91 -4.04 -8.23
C GLN C 25 39.12 -5.46 -8.62
N ALA C 26 39.81 -5.69 -9.74
CA ALA C 26 40.01 -7.00 -10.25
C ALA C 26 40.80 -7.83 -9.23
N ARG C 27 41.83 -7.21 -8.62
CA ARG C 27 42.54 -7.85 -7.50
C ARG C 27 41.68 -8.23 -6.30
N ILE C 28 40.82 -7.33 -5.83
CA ILE C 28 39.91 -7.58 -4.73
C ILE C 28 38.95 -8.70 -5.07
N ALA C 29 38.36 -8.64 -6.28
CA ALA C 29 37.50 -9.76 -6.81
C ALA C 29 38.23 -11.09 -6.70
N GLU C 30 39.45 -11.13 -7.21
CA GLU C 30 40.13 -12.40 -7.24
C GLU C 30 40.49 -12.88 -5.77
N GLY C 31 40.93 -11.96 -4.93
CA GLY C 31 41.34 -12.35 -3.53
C GLY C 31 40.06 -12.74 -2.76
N ALA C 32 38.89 -12.27 -3.24
CA ALA C 32 37.59 -12.61 -2.58
C ALA C 32 37.08 -14.02 -2.99
N GLY C 33 37.74 -14.66 -3.96
CA GLY C 33 37.39 -16.00 -4.46
C GLY C 33 36.42 -15.96 -5.70
N ALA C 34 36.29 -14.82 -6.37
CA ALA C 34 35.52 -14.79 -7.65
C ALA C 34 36.06 -15.81 -8.62
N VAL C 35 35.20 -16.42 -9.40
CA VAL C 35 35.70 -17.32 -10.39
C VAL C 35 36.18 -16.64 -11.71
N ALA C 36 35.68 -15.43 -11.95
CA ALA C 36 36.03 -14.65 -13.17
C ALA C 36 35.69 -13.23 -12.94
N VAL C 37 36.20 -12.32 -13.78
CA VAL C 37 35.85 -10.91 -13.61
C VAL C 37 35.33 -10.45 -14.99
N MET C 38 34.43 -9.48 -14.97
CA MET C 38 33.87 -8.89 -16.19
C MET C 38 34.48 -7.50 -16.25
N ALA C 39 35.36 -7.31 -17.23
CA ALA C 39 36.07 -6.02 -17.37
C ALA C 39 35.14 -5.06 -18.08
N LEU C 40 34.82 -3.92 -17.48
CA LEU C 40 34.07 -2.88 -18.20
C LEU C 40 34.47 -1.48 -17.80
N GLU C 41 34.32 -0.54 -18.73
CA GLU C 41 34.68 0.87 -18.44
C GLU C 41 33.64 1.65 -17.67
N ARG C 42 32.36 1.37 -17.94
CA ARG C 42 31.30 2.18 -17.36
C ARG C 42 30.19 1.23 -16.88
N VAL C 43 29.69 1.47 -15.68
CA VAL C 43 28.87 0.44 -14.98
C VAL C 43 27.37 0.43 -15.47
N PRO C 44 26.62 -0.74 -15.35
CA PRO C 44 25.17 -0.76 -15.77
C PRO C 44 24.28 0.30 -15.07
N ALA C 45 24.50 0.52 -13.77
CA ALA C 45 23.85 1.63 -13.02
C ALA C 45 24.20 3.08 -13.56
N ASP C 46 25.39 3.24 -14.18
CA ASP C 46 25.88 4.52 -14.83
C ASP C 46 25.27 4.74 -16.23
N ILE C 47 25.15 3.63 -16.97
CA ILE C 47 24.48 3.55 -18.27
C ILE C 47 22.97 3.81 -18.08
N ARG C 48 22.37 3.18 -17.05
CA ARG C 48 20.94 3.35 -16.67
C ARG C 48 20.54 4.80 -16.22
N ALA C 49 21.44 5.51 -15.52
CA ALA C 49 21.24 6.92 -15.10
C ALA C 49 21.59 7.98 -16.18
N GLN C 50 22.82 7.95 -16.74
CA GLN C 50 23.25 8.88 -17.82
C GLN C 50 22.86 8.40 -19.25
N GLY C 51 22.79 9.31 -20.24
CA GLY C 51 22.40 8.91 -21.62
C GLY C 51 23.51 8.17 -22.38
N GLY C 52 23.55 8.40 -23.71
CA GLY C 52 24.70 8.07 -24.53
C GLY C 52 24.71 6.64 -25.06
N VAL C 53 25.61 6.39 -26.01
CA VAL C 53 25.74 5.05 -26.60
C VAL C 53 26.79 4.30 -25.81
N SER C 54 26.52 3.03 -25.49
CA SER C 54 27.47 2.23 -24.67
C SER C 54 28.04 1.13 -25.55
N ARG C 55 29.35 1.03 -25.67
CA ARG C 55 29.99 0.12 -26.64
C ARG C 55 31.02 -0.78 -25.92
N MET C 56 31.64 -1.68 -26.65
CA MET C 56 32.85 -2.40 -26.19
C MET C 56 33.79 -1.42 -25.48
N SER C 57 34.42 -1.88 -24.39
CA SER C 57 35.40 -1.06 -23.68
C SER C 57 36.73 -0.91 -24.44
N ASP C 58 37.45 0.14 -24.11
CA ASP C 58 38.83 0.36 -24.72
C ASP C 58 39.69 -0.90 -24.50
N PRO C 59 40.24 -1.47 -25.57
CA PRO C 59 41.10 -2.61 -25.37
C PRO C 59 42.24 -2.42 -24.35
N ASP C 60 42.75 -1.19 -24.18
CA ASP C 60 43.82 -0.99 -23.16
C ASP C 60 43.26 -1.26 -21.75
N MET C 61 42.05 -0.79 -21.51
CA MET C 61 41.42 -0.99 -20.20
C MET C 61 41.26 -2.51 -19.96
N ILE C 62 40.83 -3.25 -20.97
CA ILE C 62 40.57 -4.69 -20.81
C ILE C 62 41.90 -5.43 -20.58
N GLU C 63 42.90 -5.05 -21.36
CA GLU C 63 44.27 -5.58 -21.15
C GLU C 63 44.85 -5.29 -19.75
N GLY C 64 44.59 -4.10 -19.20
CA GLY C 64 44.98 -3.80 -17.82
C GLY C 64 44.36 -4.80 -16.81
N ILE C 65 43.08 -5.14 -17.01
CA ILE C 65 42.45 -6.20 -16.18
C ILE C 65 43.06 -7.59 -16.43
N ILE C 66 43.26 -8.03 -17.67
CA ILE C 66 43.87 -9.33 -17.93
C ILE C 66 45.23 -9.42 -17.20
N ALA C 67 45.95 -8.30 -17.16
CA ALA C 67 47.36 -8.40 -16.62
C ALA C 67 47.30 -8.45 -15.11
N ALA C 68 46.16 -8.07 -14.51
CA ALA C 68 46.09 -7.95 -13.08
C ALA C 68 45.65 -9.21 -12.35
N VAL C 69 45.15 -10.23 -13.04
CA VAL C 69 44.54 -11.36 -12.31
C VAL C 69 44.92 -12.58 -13.01
N THR C 70 44.79 -13.73 -12.34
CA THR C 70 44.99 -15.06 -12.95
C THR C 70 43.67 -15.73 -13.36
N ILE C 71 42.57 -15.23 -12.86
CA ILE C 71 41.31 -15.94 -13.15
C ILE C 71 40.83 -15.42 -14.54
N PRO C 72 39.85 -16.11 -15.13
CA PRO C 72 39.34 -15.70 -16.47
C PRO C 72 38.76 -14.26 -16.46
N VAL C 73 38.92 -13.57 -17.61
CA VAL C 73 38.40 -12.25 -17.84
C VAL C 73 37.40 -12.37 -18.98
N MET C 74 36.24 -11.78 -18.73
CA MET C 74 35.22 -11.66 -19.72
C MET C 74 35.13 -10.18 -20.09
N ALA C 75 34.59 -9.89 -21.29
CA ALA C 75 34.24 -8.48 -21.51
C ALA C 75 33.04 -8.45 -22.50
N LYS C 76 32.43 -7.26 -22.62
CA LYS C 76 31.12 -7.16 -23.35
C LYS C 76 31.27 -6.66 -24.77
N VAL C 77 30.31 -7.08 -25.62
CA VAL C 77 30.17 -6.46 -26.97
C VAL C 77 28.70 -6.13 -27.10
N ARG C 78 28.36 -5.16 -27.95
CA ARG C 78 26.96 -4.89 -28.30
C ARG C 78 26.35 -6.04 -29.05
N ILE C 79 25.02 -6.21 -28.91
CA ILE C 79 24.38 -7.30 -29.58
C ILE C 79 24.51 -7.11 -31.07
N GLY C 80 24.91 -8.17 -31.73
CA GLY C 80 25.02 -8.18 -33.18
C GLY C 80 26.37 -7.54 -33.64
N HIS C 81 27.17 -7.04 -32.71
CA HIS C 81 28.45 -6.35 -33.18
C HIS C 81 29.57 -7.38 -33.34
N PHE C 82 29.55 -8.08 -34.45
CA PHE C 82 30.49 -9.17 -34.64
C PHE C 82 31.96 -8.62 -34.72
N VAL C 83 32.14 -7.36 -35.15
CA VAL C 83 33.53 -6.81 -35.20
C VAL C 83 34.05 -6.48 -33.83
N GLU C 84 33.21 -5.93 -32.97
CA GLU C 84 33.64 -5.77 -31.52
C GLU C 84 34.14 -7.14 -31.03
N ALA C 85 33.39 -8.21 -31.38
CA ALA C 85 33.79 -9.56 -30.92
C ALA C 85 35.11 -10.08 -31.57
N GLN C 86 35.27 -9.87 -32.87
CA GLN C 86 36.58 -10.13 -33.52
C GLN C 86 37.72 -9.43 -32.79
N ILE C 87 37.54 -8.18 -32.36
CA ILE C 87 38.62 -7.44 -31.68
C ILE C 87 38.86 -8.11 -30.31
N LEU C 88 37.78 -8.40 -29.58
CA LEU C 88 37.98 -8.94 -28.18
C LEU C 88 38.67 -10.26 -28.27
N GLN C 89 38.29 -11.09 -29.26
CA GLN C 89 38.86 -12.40 -29.35
C GLN C 89 40.39 -12.30 -29.50
N THR C 90 40.84 -11.31 -30.28
CA THR C 90 42.32 -11.21 -30.48
C THR C 90 43.00 -10.69 -29.23
N LEU C 91 42.31 -9.93 -28.37
CA LEU C 91 42.83 -9.56 -27.07
C LEU C 91 43.06 -10.74 -26.14
N GLY C 92 42.49 -11.89 -26.42
CA GLY C 92 42.64 -13.01 -25.52
C GLY C 92 41.71 -12.97 -24.27
N VAL C 93 40.55 -12.25 -24.30
CA VAL C 93 39.50 -12.45 -23.25
C VAL C 93 39.14 -13.94 -23.20
N ASP C 94 38.75 -14.44 -22.05
CA ASP C 94 38.31 -15.81 -21.94
C ASP C 94 36.89 -16.08 -22.39
N TYR C 95 36.08 -15.09 -22.19
CA TYR C 95 34.65 -15.13 -22.66
C TYR C 95 34.26 -13.79 -23.18
N ILE C 96 33.35 -13.84 -24.16
CA ILE C 96 32.71 -12.56 -24.58
C ILE C 96 31.22 -12.53 -24.20
N ASP C 97 30.77 -11.46 -23.57
CA ASP C 97 29.34 -11.39 -23.17
C ASP C 97 28.66 -10.51 -24.25
N GLU C 98 27.79 -11.12 -25.04
CA GLU C 98 26.99 -10.37 -26.05
C GLU C 98 25.82 -9.75 -25.26
N SER C 99 25.96 -8.49 -24.88
CA SER C 99 25.23 -8.04 -23.69
C SER C 99 24.17 -7.01 -24.04
N GLU C 100 22.93 -7.27 -23.58
CA GLU C 100 21.90 -6.26 -23.70
C GLU C 100 22.12 -5.03 -22.77
N VAL C 101 23.11 -5.02 -21.92
CA VAL C 101 23.41 -3.81 -21.16
C VAL C 101 24.02 -2.69 -22.08
N LEU C 102 24.71 -3.10 -23.13
CA LEU C 102 25.30 -2.10 -24.05
C LEU C 102 24.19 -1.72 -25.02
N THR C 103 24.43 -0.68 -25.83
CA THR C 103 23.47 -0.30 -26.90
C THR C 103 23.50 -1.29 -28.05
N PRO C 104 22.38 -1.98 -28.41
CA PRO C 104 22.50 -2.94 -29.48
C PRO C 104 23.05 -2.34 -30.80
N ALA C 105 23.84 -3.11 -31.53
CA ALA C 105 24.35 -2.67 -32.84
C ALA C 105 23.52 -3.25 -33.96
N ASP C 106 22.68 -4.26 -33.67
CA ASP C 106 21.83 -4.85 -34.73
C ASP C 106 20.54 -5.14 -33.95
N TYR C 107 19.44 -4.52 -34.34
CA TYR C 107 18.18 -4.81 -33.69
C TYR C 107 17.47 -6.08 -34.08
N ALA C 108 17.92 -6.76 -35.10
CA ALA C 108 17.27 -7.98 -35.58
C ALA C 108 18.07 -9.25 -35.31
N HIS C 109 19.40 -9.17 -35.52
CA HIS C 109 20.25 -10.34 -35.58
C HIS C 109 21.35 -10.28 -34.49
N HIS C 110 21.56 -11.44 -33.88
CA HIS C 110 22.68 -11.59 -32.91
C HIS C 110 23.90 -12.05 -33.70
N ILE C 111 25.07 -12.00 -33.03
CA ILE C 111 26.31 -12.51 -33.66
C ILE C 111 26.19 -13.98 -33.94
N ASP C 112 26.69 -14.43 -35.12
CA ASP C 112 26.78 -15.82 -35.39
C ASP C 112 28.03 -16.27 -34.58
N LYS C 113 27.79 -16.90 -33.45
CA LYS C 113 28.89 -17.17 -32.52
C LYS C 113 29.72 -18.39 -32.92
N TRP C 114 29.24 -19.15 -33.90
CA TRP C 114 30.00 -20.25 -34.52
C TRP C 114 31.26 -19.73 -35.29
N ASN C 115 31.33 -18.45 -35.54
CA ASN C 115 32.50 -17.95 -36.29
C ASN C 115 33.68 -17.68 -35.40
N PHE C 116 33.57 -18.09 -34.13
CA PHE C 116 34.58 -17.71 -33.17
C PHE C 116 35.08 -18.94 -32.42
N THR C 117 36.32 -18.81 -31.95
CA THR C 117 36.91 -19.77 -31.01
C THR C 117 36.53 -19.51 -29.56
N VAL C 118 36.59 -18.23 -29.19
CA VAL C 118 36.31 -17.79 -27.84
C VAL C 118 34.80 -18.07 -27.51
N PRO C 119 34.52 -18.51 -26.27
CA PRO C 119 33.09 -18.76 -25.97
C PRO C 119 32.32 -17.52 -25.60
N PHE C 120 30.98 -17.52 -25.85
CA PHE C 120 30.12 -16.41 -25.53
C PHE C 120 29.16 -16.68 -24.40
N VAL C 121 28.85 -15.68 -23.61
CA VAL C 121 27.71 -15.74 -22.70
C VAL C 121 26.62 -14.86 -23.40
N CYS C 122 25.33 -15.26 -23.37
CA CYS C 122 24.21 -14.44 -23.88
C CYS C 122 23.12 -14.43 -22.81
N GLY C 123 22.31 -13.38 -22.82
CA GLY C 123 21.24 -13.29 -21.88
C GLY C 123 19.94 -13.98 -22.34
N ALA C 124 19.04 -14.31 -21.39
CA ALA C 124 17.72 -14.90 -21.76
C ALA C 124 16.75 -14.56 -20.68
N THR C 125 15.47 -14.47 -21.03
CA THR C 125 14.45 -14.23 -19.98
C THR C 125 13.51 -15.43 -19.98
N ASN C 126 13.61 -16.34 -20.97
CA ASN C 126 12.72 -17.50 -21.01
C ASN C 126 13.41 -18.60 -21.77
N LEU C 127 12.89 -19.81 -21.75
CA LEU C 127 13.67 -20.91 -22.30
C LEU C 127 13.84 -20.77 -23.84
N GLY C 128 12.79 -20.34 -24.53
CA GLY C 128 12.88 -20.19 -26.01
C GLY C 128 14.06 -19.27 -26.40
N GLU C 129 14.14 -18.13 -25.75
CA GLU C 129 15.27 -17.23 -25.97
C GLU C 129 16.62 -17.86 -25.65
N ALA C 130 16.69 -18.58 -24.55
CA ALA C 130 17.92 -19.28 -24.26
C ALA C 130 18.32 -20.27 -25.35
N LEU C 131 17.33 -21.04 -25.85
CA LEU C 131 17.65 -22.04 -26.84
C LEU C 131 18.08 -21.34 -28.19
N ARG C 132 17.48 -20.21 -28.50
CA ARG C 132 17.85 -19.50 -29.77
C ARG C 132 19.28 -18.98 -29.61
N ARG C 133 19.63 -18.48 -28.43
CA ARG C 133 21.08 -18.04 -28.25
C ARG C 133 22.04 -19.24 -28.41
N ILE C 134 21.70 -20.37 -27.78
CA ILE C 134 22.53 -21.60 -27.90
C ILE C 134 22.59 -22.03 -29.33
N SER C 135 21.44 -22.00 -30.04
CA SER C 135 21.48 -22.40 -31.44
C SER C 135 22.47 -21.54 -32.26
N GLU C 136 22.68 -20.27 -31.89
CA GLU C 136 23.64 -19.37 -32.56
C GLU C 136 25.05 -19.57 -32.04
N GLY C 137 25.22 -20.48 -31.09
CA GLY C 137 26.59 -20.82 -30.62
C GLY C 137 26.92 -20.39 -29.24
N ALA C 138 25.99 -19.79 -28.49
CA ALA C 138 26.34 -19.39 -27.10
C ALA C 138 26.81 -20.59 -26.26
N ALA C 139 27.81 -20.31 -25.43
CA ALA C 139 28.44 -21.43 -24.63
C ALA C 139 27.90 -21.36 -23.18
N MET C 140 27.21 -20.30 -22.84
CA MET C 140 26.67 -20.10 -21.48
C MET C 140 25.49 -19.14 -21.58
N ILE C 141 24.46 -19.37 -20.75
CA ILE C 141 23.30 -18.46 -20.75
C ILE C 141 23.26 -17.84 -19.40
N ARG C 142 22.97 -16.55 -19.29
CA ARG C 142 22.64 -15.97 -18.01
C ARG C 142 21.24 -15.30 -18.10
N SER C 143 20.57 -15.17 -16.97
CA SER C 143 19.30 -14.31 -16.96
C SER C 143 19.67 -12.86 -17.32
N LYS C 144 18.71 -12.07 -17.85
CA LYS C 144 18.94 -10.67 -18.09
C LYS C 144 18.72 -9.98 -16.73
N GLY C 145 17.83 -10.48 -15.86
CA GLY C 145 17.46 -9.81 -14.62
C GLY C 145 17.09 -8.34 -14.96
N GLU C 146 17.20 -7.42 -14.03
CA GLU C 146 17.15 -5.99 -14.42
C GLU C 146 18.48 -5.32 -14.04
N ALA C 147 19.37 -5.10 -15.01
CA ALA C 147 20.77 -4.70 -14.66
C ALA C 147 20.92 -3.25 -14.06
N GLY C 148 21.87 -3.13 -13.12
CA GLY C 148 22.09 -1.97 -12.22
C GLY C 148 21.00 -1.31 -11.37
N THR C 149 19.96 -2.04 -11.02
CA THR C 149 18.93 -1.54 -10.12
C THR C 149 18.97 -2.14 -8.64
N GLY C 150 19.74 -3.21 -8.45
CA GLY C 150 19.64 -3.99 -7.19
C GLY C 150 18.29 -4.64 -6.85
N ASP C 151 17.34 -4.70 -7.82
CA ASP C 151 16.03 -5.36 -7.58
C ASP C 151 16.06 -6.79 -8.19
N VAL C 152 16.08 -7.82 -7.34
CA VAL C 152 16.31 -9.20 -7.82
C VAL C 152 15.03 -9.73 -8.51
N SER C 153 13.91 -9.01 -8.43
CA SER C 153 12.65 -9.62 -8.90
C SER C 153 12.64 -10.01 -10.38
N ASN C 154 13.26 -9.23 -11.27
CA ASN C 154 13.26 -9.71 -12.68
C ASN C 154 14.08 -10.98 -12.79
N ALA C 155 15.18 -11.08 -12.05
CA ALA C 155 15.95 -12.29 -12.15
C ALA C 155 15.11 -13.48 -11.65
N THR C 156 14.37 -13.30 -10.55
CA THR C 156 13.51 -14.37 -10.04
C THR C 156 12.59 -14.87 -11.16
N THR C 157 11.93 -13.88 -11.80
CA THR C 157 11.04 -14.23 -12.96
C THR C 157 11.74 -15.08 -14.03
N HIS C 158 12.93 -14.62 -14.50
CA HIS C 158 13.62 -15.33 -15.56
C HIS C 158 14.03 -16.72 -15.14
N MET C 159 14.55 -16.81 -13.91
CA MET C 159 15.01 -18.12 -13.42
C MET C 159 13.79 -19.07 -13.29
N ARG C 160 12.68 -18.53 -12.78
CA ARG C 160 11.52 -19.42 -12.74
C ARG C 160 10.93 -19.76 -14.13
N ALA C 161 10.99 -18.82 -15.05
CA ALA C 161 10.51 -19.10 -16.44
C ALA C 161 11.34 -20.15 -17.08
N ILE C 162 12.68 -19.96 -17.08
CA ILE C 162 13.49 -20.95 -17.71
C ILE C 162 13.39 -22.32 -17.05
N GLY C 163 13.53 -22.35 -15.72
CA GLY C 163 13.55 -23.68 -15.08
C GLY C 163 12.14 -24.27 -15.19
N GLY C 164 11.11 -23.43 -15.18
CA GLY C 164 9.68 -23.99 -15.19
C GLY C 164 9.38 -24.63 -16.52
N GLU C 165 9.85 -24.01 -17.59
CA GLU C 165 9.63 -24.60 -18.90
C GLU C 165 10.51 -25.82 -19.11
N ILE C 166 11.74 -25.82 -18.58
CA ILE C 166 12.51 -27.10 -18.68
C ILE C 166 11.69 -28.23 -17.99
N ARG C 167 11.19 -27.94 -16.79
CA ARG C 167 10.44 -29.00 -16.08
C ARG C 167 9.21 -29.43 -16.92
N ARG C 168 8.49 -28.50 -17.47
CA ARG C 168 7.33 -28.84 -18.27
C ARG C 168 7.74 -29.75 -19.47
N LEU C 169 8.85 -29.46 -20.12
CA LEU C 169 9.25 -30.36 -21.23
C LEU C 169 9.59 -31.73 -20.77
N THR C 170 10.17 -31.86 -19.59
CA THR C 170 10.62 -33.24 -19.17
C THR C 170 9.45 -34.20 -18.97
N SER C 171 8.29 -33.69 -18.57
CA SER C 171 7.12 -34.62 -18.38
C SER C 171 6.11 -34.59 -19.51
N MET C 172 6.41 -33.86 -20.57
CA MET C 172 5.42 -33.66 -21.66
C MET C 172 5.38 -34.96 -22.48
N SER C 173 4.18 -35.23 -22.98
CA SER C 173 4.00 -36.35 -23.90
C SER C 173 4.90 -36.12 -25.13
N GLU C 174 5.72 -37.11 -25.49
CA GLU C 174 6.68 -36.90 -26.59
C GLU C 174 6.12 -36.38 -27.89
N ASP C 175 4.92 -36.86 -28.26
CA ASP C 175 4.31 -36.41 -29.46
C ASP C 175 3.88 -34.95 -29.48
N GLU C 176 3.92 -34.26 -28.30
CA GLU C 176 3.55 -32.84 -28.25
C GLU C 176 4.76 -31.93 -28.32
N LEU C 177 5.98 -32.50 -28.36
CA LEU C 177 7.21 -31.68 -28.32
C LEU C 177 7.39 -30.85 -29.62
N PHE C 178 6.82 -31.34 -30.72
CA PHE C 178 6.95 -30.56 -32.00
C PHE C 178 6.19 -29.26 -31.88
N VAL C 179 4.96 -29.34 -31.37
CA VAL C 179 4.22 -28.09 -31.17
C VAL C 179 4.91 -27.27 -30.08
N ALA C 180 5.45 -27.92 -29.04
CA ALA C 180 6.11 -27.13 -28.01
C ALA C 180 7.28 -26.31 -28.64
N ALA C 181 8.03 -26.92 -29.54
CA ALA C 181 9.19 -26.21 -30.17
C ALA C 181 8.61 -25.02 -31.00
N LYS C 182 7.49 -25.23 -31.69
CA LYS C 182 6.90 -24.14 -32.46
C LYS C 182 6.46 -23.06 -31.48
N GLU C 183 5.81 -23.39 -30.35
CA GLU C 183 5.39 -22.32 -29.43
C GLU C 183 6.56 -21.63 -28.71
N LEU C 184 7.63 -22.35 -28.43
CA LEU C 184 8.77 -21.73 -27.82
C LEU C 184 9.59 -20.92 -28.87
N GLN C 185 9.30 -21.11 -30.17
CA GLN C 185 10.12 -20.54 -31.28
C GLN C 185 11.58 -20.92 -31.10
N ALA C 186 11.81 -22.22 -30.89
CA ALA C 186 13.15 -22.78 -30.64
C ALA C 186 13.34 -23.99 -31.49
N PRO C 187 14.60 -24.37 -31.80
CA PRO C 187 14.79 -25.56 -32.64
C PRO C 187 14.34 -26.83 -31.93
N TYR C 188 13.56 -27.62 -32.65
CA TYR C 188 13.09 -28.86 -32.12
C TYR C 188 14.24 -29.71 -31.52
N GLU C 189 15.38 -29.80 -32.24
CA GLU C 189 16.38 -30.71 -31.75
C GLU C 189 16.86 -30.30 -30.33
N LEU C 190 16.90 -29.00 -30.06
CA LEU C 190 17.31 -28.52 -28.73
C LEU C 190 16.19 -28.73 -27.73
N VAL C 191 14.95 -28.43 -28.17
CA VAL C 191 13.78 -28.76 -27.32
C VAL C 191 13.70 -30.25 -26.86
N ALA C 192 13.82 -31.14 -27.82
CA ALA C 192 13.81 -32.56 -27.47
C ALA C 192 14.96 -32.97 -26.57
N GLU C 193 16.14 -32.35 -26.72
CA GLU C 193 17.24 -32.70 -25.85
C GLU C 193 16.95 -32.21 -24.41
N VAL C 194 16.38 -30.99 -24.30
CA VAL C 194 16.01 -30.44 -22.95
C VAL C 194 14.93 -31.43 -22.32
N ALA C 195 13.98 -31.88 -23.12
CA ALA C 195 12.90 -32.76 -22.59
C ALA C 195 13.51 -34.08 -22.02
N ARG C 196 14.50 -34.63 -22.72
CA ARG C 196 15.18 -35.92 -22.33
C ARG C 196 16.14 -35.73 -21.15
N ALA C 197 16.97 -34.70 -21.16
CA ALA C 197 17.95 -34.46 -20.15
C ALA C 197 17.46 -33.70 -18.93
N GLY C 198 16.43 -32.88 -19.02
CA GLY C 198 16.04 -32.13 -17.81
C GLY C 198 16.95 -30.99 -17.50
N LYS C 199 17.76 -30.54 -18.47
CA LYS C 199 18.78 -29.50 -18.18
C LYS C 199 18.90 -28.65 -19.46
N LEU C 200 19.29 -27.42 -19.34
CA LEU C 200 19.70 -26.66 -20.50
C LEU C 200 21.00 -27.29 -21.07
N PRO C 201 21.25 -27.16 -22.40
CA PRO C 201 22.40 -27.75 -23.03
C PRO C 201 23.73 -27.12 -22.58
N VAL C 202 23.69 -25.90 -22.02
CA VAL C 202 24.89 -25.27 -21.51
C VAL C 202 24.61 -24.78 -20.13
N THR C 203 25.65 -24.28 -19.45
CA THR C 203 25.49 -23.76 -18.07
C THR C 203 24.61 -22.49 -17.96
N LEU C 204 23.79 -22.42 -16.90
CA LEU C 204 22.83 -21.34 -16.72
C LEU C 204 23.25 -20.57 -15.46
N PHE C 205 23.54 -19.26 -15.54
CA PHE C 205 23.92 -18.43 -14.41
C PHE C 205 22.86 -17.35 -14.27
N THR C 206 22.79 -16.73 -13.10
CA THR C 206 21.89 -15.60 -12.89
C THR C 206 22.64 -14.32 -12.91
N ALA C 207 22.03 -13.29 -13.43
CA ALA C 207 22.59 -11.97 -13.52
C ALA C 207 21.46 -11.00 -13.45
N GLY C 208 21.76 -9.80 -13.05
CA GLY C 208 20.82 -8.73 -13.04
C GLY C 208 20.16 -8.51 -11.72
N GLY C 209 20.55 -7.52 -10.97
CA GLY C 209 19.77 -7.11 -9.80
C GLY C 209 20.01 -7.88 -8.51
N ILE C 210 21.04 -8.69 -8.54
CA ILE C 210 21.51 -9.38 -7.36
C ILE C 210 22.28 -8.39 -6.49
N ALA C 211 21.75 -8.06 -5.32
CA ALA C 211 22.39 -7.07 -4.51
C ALA C 211 22.96 -7.66 -3.23
N THR C 212 22.25 -8.55 -2.57
CA THR C 212 22.71 -9.04 -1.28
C THR C 212 23.09 -10.54 -1.33
N PRO C 213 23.79 -11.02 -0.28
CA PRO C 213 24.06 -12.47 -0.15
C PRO C 213 22.76 -13.28 -0.19
N ALA C 214 21.70 -12.80 0.44
CA ALA C 214 20.42 -13.55 0.36
C ALA C 214 19.94 -13.74 -1.12
N ASP C 215 20.10 -12.65 -1.93
CA ASP C 215 19.70 -12.74 -3.36
C ASP C 215 20.47 -13.77 -4.07
N ALA C 216 21.80 -13.75 -3.89
CA ALA C 216 22.62 -14.69 -4.59
C ALA C 216 22.25 -16.12 -4.23
N ALA C 217 22.06 -16.39 -2.94
CA ALA C 217 21.70 -17.76 -2.50
C ALA C 217 20.26 -18.17 -2.99
N MET C 218 19.35 -17.20 -3.01
CA MET C 218 18.00 -17.47 -3.56
C MET C 218 18.11 -17.91 -5.03
N MET C 219 18.92 -17.21 -5.84
CA MET C 219 19.08 -17.63 -7.26
C MET C 219 19.71 -19.00 -7.39
N MET C 220 20.70 -19.36 -6.57
CA MET C 220 21.20 -20.71 -6.60
C MET C 220 20.12 -21.74 -6.22
N GLN C 221 19.26 -21.37 -5.26
CA GLN C 221 18.24 -22.36 -4.83
C GLN C 221 17.13 -22.48 -5.91
N LEU C 222 17.02 -21.46 -6.77
CA LEU C 222 16.14 -21.55 -7.99
C LEU C 222 16.77 -22.25 -9.18
N GLY C 223 18.01 -22.78 -9.02
CA GLY C 223 18.66 -23.60 -10.06
C GLY C 223 19.85 -22.90 -10.77
N ALA C 224 20.21 -21.69 -10.38
CA ALA C 224 21.35 -21.02 -11.03
C ALA C 224 22.62 -21.87 -10.78
N GLU C 225 23.55 -21.88 -11.72
CA GLU C 225 24.79 -22.64 -11.46
C GLU C 225 25.91 -21.73 -11.13
N GLY C 226 25.60 -20.44 -10.95
CA GLY C 226 26.63 -19.45 -10.59
C GLY C 226 25.96 -18.08 -10.75
N VAL C 227 26.59 -17.02 -10.27
CA VAL C 227 25.97 -15.70 -10.37
C VAL C 227 26.95 -14.65 -10.90
N PHE C 228 26.41 -13.63 -11.59
CA PHE C 228 27.16 -12.43 -11.94
C PHE C 228 26.76 -11.35 -10.96
N VAL C 229 27.70 -10.55 -10.46
CA VAL C 229 27.37 -9.42 -9.68
C VAL C 229 28.06 -8.12 -10.14
N GLY C 230 27.39 -6.99 -9.93
CA GLY C 230 27.76 -5.68 -10.43
C GLY C 230 28.84 -5.02 -9.57
N SER C 231 29.38 -3.88 -10.01
CA SER C 231 30.52 -3.29 -9.26
C SER C 231 30.10 -2.47 -8.01
N GLY C 232 28.78 -2.45 -7.73
CA GLY C 232 28.23 -1.98 -6.44
C GLY C 232 28.90 -2.61 -5.21
N ILE C 233 29.36 -3.84 -5.40
CA ILE C 233 30.14 -4.58 -4.43
C ILE C 233 31.34 -3.72 -3.94
N PHE C 234 32.02 -3.10 -4.88
CA PHE C 234 33.12 -2.17 -4.63
C PHE C 234 32.78 -0.81 -4.07
N LYS C 235 31.68 -0.30 -4.57
CA LYS C 235 31.11 1.02 -4.41
C LYS C 235 30.71 1.33 -3.01
N SER C 236 30.68 0.33 -2.18
CA SER C 236 30.22 0.53 -0.83
C SER C 236 31.13 -0.07 0.23
N GLY C 237 31.64 0.80 1.10
CA GLY C 237 32.34 0.40 2.30
C GLY C 237 33.51 -0.52 2.12
N ALA C 238 33.62 -1.55 2.95
CA ALA C 238 34.77 -2.44 2.90
C ALA C 238 34.61 -3.48 1.77
N PRO C 239 35.14 -3.15 0.57
CA PRO C 239 34.87 -3.99 -0.61
C PRO C 239 35.37 -5.45 -0.49
N GLU C 240 36.52 -5.68 0.17
CA GLU C 240 37.03 -7.04 0.37
C GLU C 240 35.99 -7.93 1.06
N HIS C 241 35.36 -7.37 2.10
CA HIS C 241 34.37 -8.05 2.92
C HIS C 241 33.04 -8.26 2.14
N ARG C 242 32.56 -7.26 1.42
CA ARG C 242 31.29 -7.43 0.69
C ARG C 242 31.43 -8.47 -0.41
N ALA C 243 32.56 -8.48 -1.09
CA ALA C 243 32.80 -9.46 -2.18
C ALA C 243 32.95 -10.89 -1.64
N ALA C 244 33.74 -11.03 -0.55
CA ALA C 244 33.88 -12.34 0.12
C ALA C 244 32.52 -12.81 0.63
N ALA C 245 31.68 -11.92 1.13
CA ALA C 245 30.36 -12.35 1.65
C ALA C 245 29.49 -12.94 0.51
N ILE C 246 29.53 -12.34 -0.69
CA ILE C 246 28.74 -12.89 -1.82
C ILE C 246 29.30 -14.24 -2.29
N VAL C 247 30.63 -14.38 -2.34
CA VAL C 247 31.26 -15.65 -2.76
C VAL C 247 30.82 -16.76 -1.75
N LYS C 248 30.88 -16.46 -0.47
CA LYS C 248 30.52 -17.42 0.53
C LYS C 248 29.05 -17.83 0.49
N ALA C 249 28.20 -16.86 0.27
CA ALA C 249 26.74 -17.09 0.14
C ALA C 249 26.46 -17.96 -1.05
N THR C 250 27.16 -17.75 -2.16
CA THR C 250 26.92 -18.52 -3.35
C THR C 250 27.43 -19.93 -3.19
N THR C 251 28.58 -20.09 -2.52
CA THR C 251 29.13 -21.41 -2.22
C THR C 251 28.27 -22.25 -1.25
N PHE C 252 27.77 -21.60 -0.23
CA PHE C 252 27.03 -22.24 0.83
C PHE C 252 25.54 -21.80 0.82
N PHE C 253 24.97 -21.82 -0.35
CA PHE C 253 23.67 -21.27 -0.62
C PHE C 253 22.53 -21.93 0.15
N ASP C 254 22.76 -23.15 0.61
CA ASP C 254 21.79 -23.92 1.35
C ASP C 254 21.97 -23.89 2.87
N ASP C 255 22.85 -23.06 3.34
CA ASP C 255 23.19 -23.10 4.80
C ASP C 255 22.77 -21.85 5.45
N PRO C 256 21.60 -21.85 6.13
CA PRO C 256 21.14 -20.54 6.63
C PRO C 256 22.03 -19.90 7.72
N ASP C 257 22.76 -20.70 8.50
CA ASP C 257 23.63 -20.04 9.51
C ASP C 257 24.75 -19.32 8.80
N VAL C 258 25.32 -19.89 7.72
CA VAL C 258 26.40 -19.16 6.97
C VAL C 258 25.77 -17.89 6.38
N LEU C 259 24.56 -18.04 5.79
CA LEU C 259 23.93 -16.87 5.10
C LEU C 259 23.59 -15.81 6.11
N ALA C 260 23.18 -16.19 7.33
CA ALA C 260 22.91 -15.11 8.34
C ALA C 260 24.17 -14.32 8.74
N LYS C 261 25.27 -15.03 8.86
CA LYS C 261 26.50 -14.39 9.32
C LYS C 261 26.99 -13.45 8.25
N VAL C 262 26.98 -13.86 6.97
CA VAL C 262 27.49 -12.98 5.92
C VAL C 262 26.54 -11.80 5.58
N SER C 263 25.29 -11.82 6.12
CA SER C 263 24.33 -10.74 5.84
C SER C 263 24.49 -9.54 6.77
N ARG C 264 25.36 -9.68 7.75
CA ARG C 264 25.57 -8.63 8.81
C ARG C 264 26.39 -7.44 8.28
C1 GOL D . -19.43 24.00 7.39
O1 GOL D . -18.20 23.72 8.04
C2 GOL D . -19.17 24.51 5.99
O2 GOL D . -18.29 23.64 5.28
C3 GOL D . -18.57 25.91 6.11
O3 GOL D . -17.91 26.24 4.89
C1 GOL E . 2.37 -0.89 10.52
O1 GOL E . 2.46 0.36 9.85
C2 GOL E . 2.45 -2.06 9.55
O2 GOL E . 2.91 -1.75 8.23
C3 GOL E . 3.32 -3.08 10.26
O3 GOL E . 4.68 -2.89 9.96
C1 GOL F . 27.38 -8.80 -15.70
O1 GOL F . 28.00 -7.66 -16.24
C2 GOL F . 26.11 -8.41 -14.95
O2 GOL F . 25.44 -7.37 -15.66
C3 GOL F . 26.51 -7.90 -13.58
O3 GOL F . 25.39 -7.23 -13.01
#